data_8UOH
#
_entry.id   8UOH
#
_cell.length_a   61.880
_cell.length_b   113.410
_cell.length_c   116.640
_cell.angle_alpha   90.00
_cell.angle_beta   90.00
_cell.angle_gamma   90.00
#
_symmetry.space_group_name_H-M   'P 21 21 21'
#
loop_
_entity.id
_entity.type
_entity.pdbx_description
1 polymer 'MAP/microtubule affinity-regulating kinase 3'
2 non-polymer 1,2-ETHANEDIOL
3 non-polymer 'NICKEL (II) ION'
4 non-polymer (6P)-6-[(4S)-imidazo[1,2-a]pyridin-3-yl]-4-[(1R)-1-phenylethyl]-2H-pyrido[3,2-b][1,4]oxazin-3(4H)-one
5 water water
#
_entity_poly.entity_id   1
_entity_poly.type   'polypeptide(L)'
_entity_poly.pdbx_seq_one_letter_code
;GAMGSDEQPHIGNYRLLKTLGKGNFAKVKRARHILTGREVAIKIIDKTQLNPTSLQKLFREVRIMKILNHPNIIKLFEVI
ETEKTLYLIMEYASKGEVYDYLVEHGRMKEKEARSKFRQIVSAVQYCHQKRIVHRDLKAENLLLDADMNIKIADFGFSNE
FTVGGKLDTFCGSPPYAAPELFQGKKYDGPEVDVWSLGVILYTLVSGSLPFDGQNLKELRERVLRGKYRIPFYMSTDCEN
LLKRFLVLNPIKRGTLEQIMKDRWINAGHEEDELKPFVEPELDISDQKRIDIMVGMGYSQEEIQESLSKMKYDEITATYL
LLGRKSSE
;
_entity_poly.pdbx_strand_id   A,B
#
loop_
_chem_comp.id
_chem_comp.type
_chem_comp.name
_chem_comp.formula
EDO non-polymer 1,2-ETHANEDIOL 'C2 H6 O2'
NI non-polymer 'NICKEL (II) ION' 'Ni 2'
X4W non-polymer (6P)-6-[(4S)-imidazo[1,2-a]pyridin-3-yl]-4-[(1R)-1-phenylethyl]-2H-pyrido[3,2-b][1,4]oxazin-3(4H)-one 'C22 H18 N4 O2'
#
# COMPACT_ATOMS: atom_id res chain seq x y z
N GLY A 1 -18.45 5.48 -27.82
CA GLY A 1 -19.67 5.72 -27.07
C GLY A 1 -19.68 4.99 -25.74
N ALA A 2 -20.88 4.77 -25.19
CA ALA A 2 -21.04 4.16 -23.88
C ALA A 2 -20.48 2.74 -23.85
N MET A 3 -19.70 2.45 -22.81
CA MET A 3 -19.12 1.13 -22.58
C MET A 3 -19.72 0.58 -21.29
N GLY A 4 -20.67 -0.33 -21.41
CA GLY A 4 -21.37 -0.83 -20.24
C GLY A 4 -22.49 0.12 -19.82
N SER A 5 -23.45 -0.45 -19.10
CA SER A 5 -24.61 0.30 -18.65
C SER A 5 -24.30 1.01 -17.35
N ASP A 6 -24.70 2.28 -17.26
CA ASP A 6 -24.53 3.09 -16.05
C ASP A 6 -23.10 3.01 -15.52
N GLU A 7 -22.16 3.28 -16.41
CA GLU A 7 -20.75 3.22 -16.05
C GLU A 7 -20.09 4.58 -16.30
N GLN A 8 -18.90 4.74 -15.74
CA GLN A 8 -18.14 5.95 -15.94
C GLN A 8 -17.75 6.11 -17.42
N PRO A 9 -17.39 7.32 -17.84
CA PRO A 9 -16.84 7.49 -19.18
C PRO A 9 -15.56 6.69 -19.36
N HIS A 10 -15.21 6.47 -20.62
CA HIS A 10 -13.98 5.77 -20.96
C HIS A 10 -13.27 6.50 -22.08
N ILE A 11 -11.98 6.21 -22.22
CA ILE A 11 -11.20 6.54 -23.41
C ILE A 11 -10.34 5.33 -23.70
N GLY A 12 -10.42 4.81 -24.93
CA GLY A 12 -9.73 3.56 -25.22
C GLY A 12 -10.07 2.52 -24.17
N ASN A 13 -9.06 1.79 -23.71
CA ASN A 13 -9.27 0.75 -22.73
C ASN A 13 -9.20 1.23 -21.28
N TYR A 14 -9.58 2.48 -20.99
CA TYR A 14 -9.45 3.04 -19.63
C TYR A 14 -10.74 3.65 -19.14
N ARG A 15 -11.10 3.35 -17.90
CA ARG A 15 -12.24 3.99 -17.20
C ARG A 15 -11.74 5.28 -16.55
N LEU A 16 -12.36 6.41 -16.90
CA LEU A 16 -11.90 7.71 -16.42
C LEU A 16 -12.55 8.02 -15.08
N LEU A 17 -11.73 8.28 -14.06
CA LEU A 17 -12.28 8.57 -12.74
C LEU A 17 -12.05 10.04 -12.39
N LYS A 18 -11.68 10.35 -11.15
CA LYS A 18 -11.72 11.72 -10.68
C LYS A 18 -10.63 12.57 -11.32
N THR A 19 -10.98 13.82 -11.63
CA THR A 19 -10.02 14.80 -12.11
C THR A 19 -9.07 15.18 -10.97
N LEU A 20 -7.76 14.97 -11.18
CA LEU A 20 -6.76 15.33 -10.17
C LEU A 20 -6.39 16.81 -10.22
N GLY A 21 -6.41 17.43 -11.40
CA GLY A 21 -6.07 18.83 -11.57
C GLY A 21 -6.38 19.29 -12.98
N LYS A 22 -6.77 20.56 -13.15
CA LYS A 22 -7.15 21.08 -14.46
C LYS A 22 -6.35 22.33 -14.77
N GLY A 23 -5.92 22.46 -16.02
CA GLY A 23 -5.13 23.60 -16.43
C GLY A 23 -5.58 24.24 -17.71
N ASN A 24 -4.74 25.15 -18.24
CA ASN A 24 -5.05 25.87 -19.47
C ASN A 24 -5.20 24.92 -20.65
N PHE A 25 -4.16 24.13 -20.91
CA PHE A 25 -4.12 23.21 -22.05
C PHE A 25 -4.22 21.75 -21.65
N ALA A 26 -4.19 21.43 -20.35
CA ALA A 26 -4.16 20.04 -19.91
C ALA A 26 -4.99 19.81 -18.66
N LYS A 27 -5.60 18.64 -18.60
CA LYS A 27 -6.31 18.09 -17.45
C LYS A 27 -5.62 16.78 -17.07
N VAL A 28 -5.64 16.41 -15.79
CA VAL A 28 -5.15 15.09 -15.38
C VAL A 28 -6.26 14.38 -14.59
N LYS A 29 -6.53 13.12 -14.95
CA LYS A 29 -7.56 12.31 -14.34
C LYS A 29 -6.96 11.01 -13.83
N ARG A 30 -7.45 10.56 -12.69
CA ARG A 30 -7.20 9.18 -12.29
C ARG A 30 -8.03 8.25 -13.16
N ALA A 31 -7.50 7.06 -13.43
CA ALA A 31 -8.19 6.11 -14.30
C ALA A 31 -7.78 4.68 -13.96
N ARG A 32 -8.57 3.72 -14.47
CA ARG A 32 -8.35 2.29 -14.23
CA ARG A 32 -8.36 2.30 -14.23
C ARG A 32 -8.33 1.58 -15.58
N HIS A 33 -7.26 0.84 -15.85
CA HIS A 33 -7.17 0.06 -17.09
C HIS A 33 -8.22 -1.06 -17.05
N ILE A 34 -9.12 -1.06 -18.02
CA ILE A 34 -10.18 -2.06 -18.05
C ILE A 34 -9.60 -3.45 -18.18
N LEU A 35 -8.52 -3.60 -18.96
CA LEU A 35 -8.07 -4.94 -19.30
C LEU A 35 -7.35 -5.62 -18.14
N THR A 36 -6.58 -4.85 -17.36
CA THR A 36 -5.73 -5.38 -16.32
C THR A 36 -6.11 -4.94 -14.91
N GLY A 37 -7.00 -3.96 -14.76
CA GLY A 37 -7.34 -3.43 -13.46
C GLY A 37 -6.32 -2.49 -12.85
N ARG A 38 -5.22 -2.22 -13.54
CA ARG A 38 -4.19 -1.36 -12.97
C ARG A 38 -4.66 0.09 -12.98
N GLU A 39 -4.27 0.81 -11.93
CA GLU A 39 -4.57 2.21 -11.79
C GLU A 39 -3.53 3.02 -12.55
N VAL A 40 -3.98 4.09 -13.22
CA VAL A 40 -3.12 4.97 -13.99
C VAL A 40 -3.60 6.40 -13.82
N ALA A 41 -2.76 7.33 -14.28
CA ALA A 41 -3.12 8.72 -14.44
C ALA A 41 -3.13 9.04 -15.93
N ILE A 42 -4.11 9.82 -16.38
CA ILE A 42 -4.20 10.18 -17.79
C ILE A 42 -4.15 11.69 -17.90
N LYS A 43 -3.16 12.20 -18.62
CA LYS A 43 -3.11 13.61 -18.95
C LYS A 43 -3.84 13.81 -20.27
N ILE A 44 -4.79 14.74 -20.28
CA ILE A 44 -5.67 15.00 -21.40
C ILE A 44 -5.34 16.38 -21.93
N ILE A 45 -4.88 16.46 -23.18
CA ILE A 45 -4.41 17.70 -23.78
C ILE A 45 -5.27 18.03 -24.98
N ASP A 46 -5.92 19.20 -24.94
CA ASP A 46 -6.71 19.68 -26.06
C ASP A 46 -5.78 20.23 -27.12
N LYS A 47 -5.79 19.60 -28.30
CA LYS A 47 -4.93 20.01 -29.39
C LYS A 47 -5.48 21.18 -30.19
N THR A 48 -6.79 21.43 -30.11
CA THR A 48 -7.41 22.46 -30.95
C THR A 48 -6.94 23.86 -30.60
N GLN A 49 -6.33 24.05 -29.44
CA GLN A 49 -5.90 25.36 -28.99
C GLN A 49 -4.43 25.63 -29.26
N LEU A 50 -3.68 24.65 -29.76
CA LEU A 50 -2.23 24.75 -29.87
C LEU A 50 -1.80 25.21 -31.26
N ASN A 51 -0.87 26.15 -31.29
CA ASN A 51 -0.24 26.57 -32.54
C ASN A 51 0.83 25.56 -32.92
N PRO A 52 1.43 25.68 -34.13
CA PRO A 52 2.39 24.64 -34.55
C PRO A 52 3.58 24.46 -33.64
N THR A 53 4.14 25.56 -33.10
CA THR A 53 5.26 25.41 -32.18
C THR A 53 4.84 24.67 -30.91
N SER A 54 3.67 25.02 -30.36
CA SER A 54 3.16 24.27 -29.21
C SER A 54 3.00 22.80 -29.55
N LEU A 55 2.52 22.48 -30.75
CA LEU A 55 2.32 21.09 -31.14
C LEU A 55 3.65 20.36 -31.30
N GLN A 56 4.62 20.99 -31.95
CA GLN A 56 5.90 20.34 -32.16
C GLN A 56 6.64 20.17 -30.84
N LYS A 57 6.56 21.17 -29.97
CA LYS A 57 7.02 21.02 -28.59
C LYS A 57 6.36 19.82 -27.92
N LEU A 58 5.03 19.82 -27.86
CA LEU A 58 4.31 18.72 -27.23
C LEU A 58 4.82 17.37 -27.72
N PHE A 59 5.00 17.25 -29.04
CA PHE A 59 5.44 15.99 -29.62
C PHE A 59 6.79 15.56 -29.08
N ARG A 60 7.77 16.46 -29.05
CA ARG A 60 9.09 16.05 -28.60
C ARG A 60 9.14 15.85 -27.09
N GLU A 61 8.28 16.54 -26.33
CA GLU A 61 8.14 16.24 -24.91
C GLU A 61 7.60 14.83 -24.69
N VAL A 62 6.63 14.43 -25.51
CA VAL A 62 6.15 13.05 -25.42
C VAL A 62 7.27 12.08 -25.74
N ARG A 63 8.10 12.41 -26.72
CA ARG A 63 9.21 11.53 -27.07
C ARG A 63 10.22 11.42 -25.94
N ILE A 64 10.49 12.52 -25.24
CA ILE A 64 11.34 12.45 -24.06
C ILE A 64 10.76 11.51 -23.02
N MET A 65 9.43 11.58 -22.81
CA MET A 65 8.77 10.66 -21.88
C MET A 65 9.03 9.21 -22.26
N LYS A 66 9.06 8.90 -23.56
CA LYS A 66 9.32 7.53 -24.01
C LYS A 66 10.77 7.12 -23.76
N ILE A 67 11.70 8.06 -23.85
CA ILE A 67 13.12 7.77 -23.69
C ILE A 67 13.50 7.51 -22.22
N LEU A 68 12.85 8.20 -21.29
CA LEU A 68 13.20 8.12 -19.88
C LEU A 68 12.55 6.89 -19.26
N ASN A 69 13.37 5.98 -18.76
CA ASN A 69 12.87 4.72 -18.19
C ASN A 69 13.61 4.49 -16.88
N HIS A 70 13.07 5.02 -15.78
CA HIS A 70 13.74 5.01 -14.50
C HIS A 70 12.71 4.74 -13.41
N PRO A 71 13.07 3.94 -12.40
CA PRO A 71 12.07 3.58 -11.36
C PRO A 71 11.50 4.75 -10.59
N ASN A 72 12.11 5.94 -10.63
CA ASN A 72 11.66 7.10 -9.87
C ASN A 72 11.32 8.29 -10.76
N ILE A 73 11.00 8.04 -12.01
CA ILE A 73 10.53 9.03 -12.97
C ILE A 73 9.19 8.54 -13.49
N ILE A 74 8.17 9.41 -13.49
CA ILE A 74 6.83 9.03 -13.94
C ILE A 74 6.93 8.39 -15.33
N LYS A 75 6.46 7.16 -15.46
CA LYS A 75 6.63 6.36 -16.67
C LYS A 75 5.38 6.43 -17.55
N LEU A 76 5.60 6.50 -18.86
CA LEU A 76 4.51 6.50 -19.84
C LEU A 76 4.14 5.08 -20.22
N PHE A 77 2.84 4.78 -20.24
CA PHE A 77 2.39 3.45 -20.67
C PHE A 77 1.71 3.43 -22.03
N GLU A 78 0.90 4.43 -22.37
CA GLU A 78 0.14 4.36 -23.61
C GLU A 78 -0.11 5.77 -24.12
N VAL A 79 -0.20 5.89 -25.45
CA VAL A 79 -0.64 7.11 -26.11
C VAL A 79 -1.91 6.79 -26.88
N ILE A 80 -2.96 7.60 -26.64
CA ILE A 80 -4.18 7.56 -27.43
C ILE A 80 -4.39 8.94 -28.02
N GLU A 81 -4.55 9.01 -29.32
CA GLU A 81 -4.68 10.30 -29.97
C GLU A 81 -5.90 10.31 -30.87
N THR A 82 -6.74 11.32 -30.70
CA THR A 82 -7.82 11.64 -31.61
C THR A 82 -7.45 12.90 -32.38
N GLU A 83 -8.35 13.30 -33.28
CA GLU A 83 -8.13 14.53 -34.04
C GLU A 83 -7.93 15.72 -33.11
N LYS A 84 -8.76 15.83 -32.07
CA LYS A 84 -8.77 17.01 -31.22
C LYS A 84 -8.06 16.83 -29.88
N THR A 85 -7.75 15.61 -29.46
CA THR A 85 -7.28 15.37 -28.11
C THR A 85 -6.14 14.34 -28.09
N LEU A 86 -5.13 14.62 -27.28
CA LEU A 86 -4.06 13.66 -27.01
C LEU A 86 -4.19 13.19 -25.57
N TYR A 87 -4.18 11.87 -25.38
CA TYR A 87 -4.25 11.27 -24.06
C TYR A 87 -2.95 10.56 -23.77
N LEU A 88 -2.36 10.85 -22.61
CA LEU A 88 -1.08 10.26 -22.20
C LEU A 88 -1.34 9.43 -20.94
N ILE A 89 -1.21 8.11 -21.09
CA ILE A 89 -1.47 7.17 -20.00
C ILE A 89 -0.16 6.91 -19.28
N MET A 90 -0.13 7.19 -17.97
CA MET A 90 1.13 7.18 -17.24
C MET A 90 0.92 6.71 -15.81
N GLU A 91 2.04 6.55 -15.11
CA GLU A 91 2.02 6.14 -13.71
C GLU A 91 1.22 7.11 -12.85
N TYR A 92 0.49 6.56 -11.88
CA TYR A 92 -0.23 7.32 -10.87
C TYR A 92 0.53 7.28 -9.56
N ALA A 93 0.80 8.45 -8.98
CA ALA A 93 1.50 8.59 -7.70
C ALA A 93 0.49 9.07 -6.65
N SER A 94 -0.07 8.13 -5.90
CA SER A 94 -1.28 8.43 -5.13
C SER A 94 -1.03 9.41 -3.99
N LYS A 95 0.20 9.52 -3.47
CA LYS A 95 0.43 10.27 -2.24
C LYS A 95 0.80 11.72 -2.47
N GLY A 96 0.78 12.20 -3.72
CA GLY A 96 0.91 13.63 -3.97
C GLY A 96 2.34 14.13 -3.85
N GLU A 97 2.45 15.45 -3.70
CA GLU A 97 3.76 16.11 -3.75
C GLU A 97 4.53 15.92 -2.45
N VAL A 98 5.84 15.80 -2.59
CA VAL A 98 6.69 15.59 -1.41
C VAL A 98 6.58 16.78 -0.46
N TYR A 99 6.70 17.99 -0.99
CA TYR A 99 6.70 19.16 -0.11
C TYR A 99 5.35 19.33 0.56
N ASP A 100 4.26 18.92 -0.10
CA ASP A 100 2.97 18.90 0.59
C ASP A 100 2.94 17.88 1.71
N TYR A 101 3.57 16.72 1.48
CA TYR A 101 3.65 15.69 2.51
C TYR A 101 4.45 16.19 3.71
N LEU A 102 5.57 16.87 3.45
CA LEU A 102 6.41 17.38 4.52
C LEU A 102 5.69 18.44 5.34
N VAL A 103 4.94 19.33 4.67
CA VAL A 103 4.11 20.32 5.37
C VAL A 103 3.15 19.62 6.29
N GLU A 104 2.52 18.55 5.81
CA GLU A 104 1.48 17.88 6.58
C GLU A 104 2.05 17.12 7.76
N HIS A 105 3.10 16.33 7.54
CA HIS A 105 3.56 15.39 8.57
C HIS A 105 4.92 15.75 9.19
N GLY A 106 5.54 16.83 8.75
CA GLY A 106 6.81 17.23 9.34
C GLY A 106 7.99 16.56 8.67
N ARG A 107 9.17 16.88 9.20
CA ARG A 107 10.42 16.43 8.60
C ARG A 107 10.53 14.91 8.62
N MET A 108 11.35 14.39 7.71
CA MET A 108 11.65 12.97 7.70
C MET A 108 12.88 12.72 8.54
N LYS A 109 12.82 11.66 9.34
CA LYS A 109 14.04 11.15 9.95
C LYS A 109 15.09 10.90 8.86
N GLU A 110 16.37 11.10 9.22
CA GLU A 110 17.41 11.05 8.21
C GLU A 110 17.44 9.71 7.47
N LYS A 111 17.10 8.62 8.17
CA LYS A 111 17.04 7.33 7.49
C LYS A 111 16.03 7.37 6.35
N GLU A 112 14.83 7.89 6.61
CA GLU A 112 13.83 7.96 5.55
C GLU A 112 14.21 9.01 4.51
N ALA A 113 14.80 10.13 4.93
CA ALA A 113 15.23 11.14 3.96
C ALA A 113 16.31 10.59 3.03
N ARG A 114 17.26 9.84 3.58
CA ARG A 114 18.27 9.19 2.75
C ARG A 114 17.63 8.29 1.69
N SER A 115 16.56 7.58 2.07
CA SER A 115 15.91 6.67 1.13
C SER A 115 15.32 7.43 -0.04
N LYS A 116 14.60 8.52 0.23
CA LYS A 116 14.02 9.31 -0.85
C LYS A 116 15.08 10.07 -1.63
N PHE A 117 16.12 10.56 -0.95
CA PHE A 117 17.10 11.38 -1.64
C PHE A 117 17.99 10.56 -2.56
N ARG A 118 18.30 9.31 -2.19
CA ARG A 118 18.96 8.40 -3.11
C ARG A 118 18.15 8.24 -4.40
N GLN A 119 16.82 8.14 -4.28
CA GLN A 119 15.96 8.02 -5.45
C GLN A 119 15.98 9.30 -6.29
N ILE A 120 15.95 10.45 -5.62
CA ILE A 120 15.95 11.73 -6.32
C ILE A 120 17.26 11.93 -7.08
N VAL A 121 18.39 11.64 -6.42
CA VAL A 121 19.69 11.85 -7.03
C VAL A 121 19.87 10.93 -8.21
N SER A 122 19.51 9.65 -8.05
CA SER A 122 19.61 8.70 -9.15
C SER A 122 18.80 9.16 -10.36
N ALA A 123 17.57 9.62 -10.14
CA ALA A 123 16.71 10.01 -11.26
C ALA A 123 17.27 11.22 -12.00
N VAL A 124 17.74 12.21 -11.24
CA VAL A 124 18.19 13.46 -11.86
C VAL A 124 19.54 13.27 -12.55
N GLN A 125 20.42 12.47 -11.96
CA GLN A 125 21.69 12.17 -12.61
C GLN A 125 21.45 11.44 -13.94
N TYR A 126 20.46 10.54 -13.95
CA TYR A 126 20.12 9.79 -15.16
C TYR A 126 19.60 10.71 -16.24
N CYS A 127 18.80 11.70 -15.86
CA CYS A 127 18.39 12.74 -16.81
C CYS A 127 19.59 13.54 -17.30
N HIS A 128 20.50 13.90 -16.40
CA HIS A 128 21.68 14.66 -16.82
C HIS A 128 22.56 13.83 -17.75
N GLN A 129 22.67 12.52 -17.50
CA GLN A 129 23.44 11.66 -18.38
C GLN A 129 22.87 11.69 -19.79
N LYS A 130 21.54 11.80 -19.91
CA LYS A 130 20.87 11.91 -21.19
C LYS A 130 20.76 13.35 -21.69
N ARG A 131 21.44 14.30 -21.03
CA ARG A 131 21.48 15.70 -21.46
C ARG A 131 20.13 16.38 -21.35
N ILE A 132 19.33 15.97 -20.37
CA ILE A 132 18.08 16.62 -20.02
C ILE A 132 18.31 17.32 -18.68
N VAL A 133 18.37 18.65 -18.69
CA VAL A 133 18.43 19.45 -17.47
C VAL A 133 17.12 20.22 -17.36
N HIS A 134 16.64 20.41 -16.13
CA HIS A 134 15.33 21.01 -15.93
C HIS A 134 15.43 22.51 -15.72
N ARG A 135 16.27 22.95 -14.77
CA ARG A 135 16.52 24.36 -14.47
C ARG A 135 15.26 25.09 -13.98
N ASP A 136 14.28 24.33 -13.48
CA ASP A 136 12.98 24.90 -13.09
C ASP A 136 12.35 24.06 -11.99
N LEU A 137 13.16 23.42 -11.17
CA LEU A 137 12.64 22.54 -10.13
C LEU A 137 11.72 23.30 -9.19
N LYS A 138 10.66 22.61 -8.78
CA LYS A 138 9.68 23.12 -7.84
C LYS A 138 9.05 21.90 -7.18
N ALA A 139 8.25 22.13 -6.14
CA ALA A 139 7.65 21.02 -5.40
C ALA A 139 6.86 20.09 -6.32
N GLU A 140 6.24 20.65 -7.36
CA GLU A 140 5.41 19.86 -8.26
C GLU A 140 6.19 18.78 -8.97
N ASN A 141 7.52 18.90 -9.08
CA ASN A 141 8.28 17.90 -9.80
C ASN A 141 8.50 16.62 -9.01
N LEU A 142 8.15 16.59 -7.73
CA LEU A 142 8.51 15.49 -6.84
C LEU A 142 7.25 14.91 -6.22
N LEU A 143 6.93 13.67 -6.60
CA LEU A 143 5.70 13.02 -6.14
C LEU A 143 6.06 11.75 -5.38
N LEU A 144 5.07 11.24 -4.66
CA LEU A 144 5.17 10.00 -3.90
C LEU A 144 4.07 9.07 -4.35
N ASP A 145 4.41 7.80 -4.58
CA ASP A 145 3.39 6.83 -4.90
C ASP A 145 2.91 6.15 -3.62
N ALA A 146 2.03 5.18 -3.80
CA ALA A 146 1.40 4.53 -2.66
C ALA A 146 2.40 3.79 -1.78
N ASP A 147 3.58 3.47 -2.29
CA ASP A 147 4.63 2.84 -1.48
C ASP A 147 5.64 3.84 -0.95
N MET A 148 5.36 5.14 -1.08
CA MET A 148 6.25 6.21 -0.63
C MET A 148 7.56 6.22 -1.44
N ASN A 149 7.53 5.69 -2.65
CA ASN A 149 8.64 5.83 -3.57
C ASN A 149 8.53 7.16 -4.30
N ILE A 150 9.68 7.78 -4.54
CA ILE A 150 9.72 9.04 -5.28
C ILE A 150 9.37 8.79 -6.74
N LYS A 151 8.48 9.60 -7.29
CA LYS A 151 8.23 9.64 -8.73
C LYS A 151 8.39 11.08 -9.19
N ILE A 152 9.41 11.34 -10.01
CA ILE A 152 9.66 12.68 -10.50
C ILE A 152 8.79 12.93 -11.73
N ALA A 153 8.09 14.07 -11.73
CA ALA A 153 7.14 14.44 -12.75
C ALA A 153 7.61 15.70 -13.46
N ASP A 154 7.42 15.71 -14.78
CA ASP A 154 7.59 16.87 -15.66
C ASP A 154 9.03 17.35 -15.75
N PHE A 155 10.01 16.49 -15.49
CA PHE A 155 11.40 16.94 -15.50
C PHE A 155 11.85 17.15 -16.95
N GLY A 156 12.32 18.36 -17.25
CA GLY A 156 12.74 18.72 -18.60
C GLY A 156 11.63 19.20 -19.51
N PHE A 157 10.38 19.26 -19.04
CA PHE A 157 9.28 19.75 -19.84
C PHE A 157 9.00 21.21 -19.55
N SER A 158 8.26 21.85 -20.46
CA SER A 158 7.74 23.18 -20.18
C SER A 158 6.46 23.06 -19.36
N ASN A 159 6.13 24.13 -18.67
CA ASN A 159 4.88 24.05 -17.92
C ASN A 159 3.67 24.37 -18.78
N GLU A 160 3.88 24.62 -20.08
CA GLU A 160 2.78 24.85 -21.01
C GLU A 160 1.72 23.76 -20.91
N PHE A 161 2.14 22.51 -20.67
CA PHE A 161 1.21 21.39 -20.64
C PHE A 161 1.04 20.80 -19.25
N THR A 162 1.22 21.61 -18.21
CA THR A 162 0.94 21.22 -16.84
C THR A 162 -0.43 21.73 -16.41
N VAL A 163 -0.86 21.31 -15.22
CA VAL A 163 -2.13 21.79 -14.69
C VAL A 163 -1.96 23.20 -14.10
N GLY A 164 -0.78 23.52 -13.57
CA GLY A 164 -0.50 24.90 -13.23
C GLY A 164 -0.50 25.80 -14.45
N GLY A 165 0.07 25.31 -15.55
CA GLY A 165 0.02 26.00 -16.82
C GLY A 165 0.83 27.29 -16.83
N LYS A 166 0.53 28.11 -17.84
CA LYS A 166 1.18 29.41 -17.96
C LYS A 166 0.87 30.31 -16.77
N LEU A 167 -0.28 30.10 -16.13
CA LEU A 167 -0.76 31.04 -15.12
C LEU A 167 0.06 30.95 -13.83
N ASP A 168 0.35 29.74 -13.36
CA ASP A 168 1.10 29.53 -12.12
C ASP A 168 2.60 29.36 -12.34
N THR A 169 3.11 29.89 -13.46
CA THR A 169 4.49 29.65 -13.89
C THR A 169 5.52 29.87 -12.77
N PHE A 170 5.35 30.94 -11.98
CA PHE A 170 6.38 31.39 -11.07
C PHE A 170 6.13 31.02 -9.61
N CYS A 171 5.01 30.37 -9.28
CA CYS A 171 4.60 30.27 -7.88
C CYS A 171 5.59 29.47 -7.06
N GLY A 172 6.21 28.45 -7.65
CA GLY A 172 6.91 27.45 -6.88
C GLY A 172 8.41 27.37 -7.08
N SER A 173 8.92 28.08 -8.10
CA SER A 173 10.31 27.89 -8.49
C SER A 173 11.32 28.79 -7.76
N PRO A 174 11.00 30.01 -7.32
CA PRO A 174 12.04 30.86 -6.72
C PRO A 174 12.75 30.21 -5.54
N PRO A 175 12.07 29.48 -4.65
CA PRO A 175 12.80 28.85 -3.53
C PRO A 175 13.89 27.89 -3.96
N TYR A 176 13.76 27.28 -5.13
CA TYR A 176 14.77 26.34 -5.63
C TYR A 176 15.75 26.98 -6.61
N ALA A 177 15.63 28.26 -6.91
CA ALA A 177 16.48 28.86 -7.94
C ALA A 177 17.90 29.03 -7.44
N ALA A 178 18.88 28.75 -8.33
CA ALA A 178 20.29 28.89 -8.01
C ALA A 178 20.68 30.37 -8.08
N PRO A 179 21.71 30.77 -7.32
CA PRO A 179 22.04 32.21 -7.25
C PRO A 179 22.41 32.84 -8.59
N GLU A 180 22.90 32.05 -9.57
CA GLU A 180 23.28 32.59 -10.88
C GLU A 180 22.15 33.36 -11.54
N LEU A 181 20.92 32.95 -11.28
CA LEU A 181 19.76 33.66 -11.81
C LEU A 181 19.79 35.13 -11.41
N PHE A 182 19.97 35.40 -10.11
CA PHE A 182 19.93 36.76 -9.59
C PHE A 182 21.25 37.49 -9.75
N GLN A 183 22.36 36.77 -9.98
CA GLN A 183 23.61 37.44 -10.33
C GLN A 183 23.65 37.89 -11.77
N GLY A 184 22.75 37.37 -12.62
CA GLY A 184 22.86 37.66 -14.03
C GLY A 184 23.83 36.79 -14.79
N LYS A 185 24.18 35.63 -14.24
CA LYS A 185 25.05 34.69 -14.93
C LYS A 185 24.21 33.65 -15.66
N LYS A 186 24.89 32.82 -16.45
CA LYS A 186 24.23 31.79 -17.25
C LYS A 186 23.41 30.87 -16.36
N TYR A 187 22.39 30.28 -16.94
CA TYR A 187 21.41 29.51 -16.20
C TYR A 187 20.90 28.36 -17.08
N ASP A 188 21.81 27.55 -17.60
CA ASP A 188 21.38 26.47 -18.48
C ASP A 188 22.10 25.14 -18.26
N GLY A 189 23.00 25.03 -17.29
CA GLY A 189 23.76 23.82 -17.10
C GLY A 189 23.24 22.97 -15.95
N PRO A 190 23.73 21.73 -15.86
CA PRO A 190 23.29 20.83 -14.77
C PRO A 190 23.58 21.37 -13.37
N GLU A 191 24.58 22.26 -13.24
CA GLU A 191 24.89 22.89 -11.96
C GLU A 191 23.65 23.50 -11.31
N VAL A 192 22.75 24.03 -12.13
CA VAL A 192 21.56 24.67 -11.58
C VAL A 192 20.72 23.65 -10.83
N ASP A 193 20.47 22.50 -11.47
CA ASP A 193 19.72 21.43 -10.82
C ASP A 193 20.44 20.94 -9.56
N VAL A 194 21.77 20.94 -9.58
CA VAL A 194 22.50 20.48 -8.40
C VAL A 194 22.17 21.37 -7.21
N TRP A 195 22.15 22.69 -7.40
CA TRP A 195 21.76 23.58 -6.31
C TRP A 195 20.36 23.25 -5.82
N SER A 196 19.42 23.12 -6.75
CA SER A 196 18.05 22.80 -6.38
C SER A 196 17.97 21.51 -5.57
N LEU A 197 18.79 20.50 -5.93
CA LEU A 197 18.79 19.26 -5.15
C LEU A 197 19.25 19.51 -3.72
N GLY A 198 20.14 20.48 -3.50
CA GLY A 198 20.54 20.83 -2.15
C GLY A 198 19.38 21.42 -1.36
N VAL A 199 18.58 22.27 -2.00
CA VAL A 199 17.36 22.78 -1.39
C VAL A 199 16.43 21.63 -1.02
N ILE A 200 16.24 20.69 -1.96
CA ILE A 200 15.35 19.56 -1.72
C ILE A 200 15.81 18.77 -0.49
N LEU A 201 17.10 18.45 -0.42
CA LEU A 201 17.59 17.65 0.68
C LEU A 201 17.37 18.36 2.01
N TYR A 202 17.59 19.67 2.05
CA TYR A 202 17.28 20.46 3.23
C TYR A 202 15.82 20.31 3.62
N THR A 203 14.91 20.37 2.65
CA THR A 203 13.49 20.30 3.00
C THR A 203 13.12 18.92 3.53
N LEU A 204 13.74 17.87 2.98
CA LEU A 204 13.46 16.52 3.47
C LEU A 204 13.84 16.37 4.94
N VAL A 205 15.05 16.81 5.30
CA VAL A 205 15.55 16.54 6.65
C VAL A 205 15.10 17.58 7.67
N SER A 206 14.64 18.76 7.23
CA SER A 206 14.25 19.82 8.13
C SER A 206 12.77 20.16 8.09
N GLY A 207 12.05 19.79 7.03
CA GLY A 207 10.66 20.15 6.92
C GLY A 207 10.43 21.58 6.47
N SER A 208 11.48 22.30 6.12
CA SER A 208 11.42 23.72 5.80
C SER A 208 12.33 24.01 4.64
N LEU A 209 12.14 25.19 4.04
CA LEU A 209 12.98 25.69 2.96
C LEU A 209 14.23 26.35 3.54
N PRO A 210 15.41 26.12 2.96
CA PRO A 210 16.62 26.75 3.52
C PRO A 210 16.68 28.25 3.27
N PHE A 211 16.13 28.73 2.14
CA PHE A 211 16.05 30.15 1.86
C PHE A 211 14.58 30.50 1.74
N ASP A 212 14.07 31.19 2.74
CA ASP A 212 12.67 31.51 2.84
C ASP A 212 12.55 33.03 2.79
N GLY A 213 11.75 33.52 1.87
CA GLY A 213 11.57 34.96 1.70
C GLY A 213 10.12 35.33 1.90
N GLN A 214 9.90 36.39 2.67
CA GLN A 214 8.57 37.00 2.76
C GLN A 214 8.09 37.50 1.40
N ASN A 215 9.00 37.70 0.46
CA ASN A 215 8.67 38.08 -0.90
C ASN A 215 9.90 37.80 -1.77
N LEU A 216 9.77 38.14 -3.05
CA LEU A 216 10.83 37.84 -4.00
C LEU A 216 12.13 38.53 -3.62
N LYS A 217 12.05 39.77 -3.14
CA LYS A 217 13.25 40.52 -2.78
C LYS A 217 14.00 39.87 -1.62
N GLU A 218 13.29 39.44 -0.57
CA GLU A 218 14.00 38.81 0.56
C GLU A 218 14.55 37.44 0.18
N LEU A 219 13.79 36.69 -0.62
CA LEU A 219 14.28 35.38 -1.06
C LEU A 219 15.56 35.53 -1.87
N ARG A 220 15.61 36.54 -2.76
CA ARG A 220 16.81 36.78 -3.56
C ARG A 220 18.00 37.07 -2.66
N GLU A 221 17.81 37.95 -1.67
CA GLU A 221 18.90 38.33 -0.77
C GLU A 221 19.49 37.11 -0.09
N ARG A 222 18.64 36.19 0.38
CA ARG A 222 19.12 35.03 1.09
C ARG A 222 19.80 34.05 0.14
N VAL A 223 19.24 33.87 -1.05
CA VAL A 223 19.88 32.98 -2.02
C VAL A 223 21.26 33.48 -2.39
N LEU A 224 21.40 34.79 -2.62
CA LEU A 224 22.69 35.36 -3.01
C LEU A 224 23.70 35.28 -1.87
N ARG A 225 23.23 35.37 -0.62
CA ARG A 225 24.12 35.29 0.52
C ARG A 225 24.53 33.85 0.81
N GLY A 226 23.67 32.89 0.47
CA GLY A 226 23.99 31.50 0.58
C GLY A 226 24.03 30.91 1.98
N LYS A 227 23.71 31.68 3.02
CA LYS A 227 23.72 31.16 4.39
C LYS A 227 22.36 30.58 4.75
N TYR A 228 22.38 29.47 5.48
CA TYR A 228 21.15 28.81 5.91
C TYR A 228 21.39 28.18 7.27
N ARG A 229 20.29 27.98 7.99
CA ARG A 229 20.37 27.55 9.39
C ARG A 229 20.52 26.03 9.47
N ILE A 230 21.45 25.57 10.29
CA ILE A 230 21.61 24.15 10.56
C ILE A 230 20.82 23.82 11.81
N PRO A 231 19.80 22.97 11.73
CA PRO A 231 19.01 22.64 12.92
C PRO A 231 19.78 21.73 13.87
N PHE A 232 19.42 21.80 15.15
CA PHE A 232 20.17 21.08 16.19
C PHE A 232 20.15 19.58 15.97
N TYR A 233 19.13 19.06 15.30
CA TYR A 233 18.99 17.61 15.11
C TYR A 233 19.72 17.10 13.88
N MET A 234 20.23 17.98 13.01
CA MET A 234 20.82 17.54 11.76
C MET A 234 22.23 17.00 11.99
N SER A 235 22.52 15.84 11.39
CA SER A 235 23.81 15.20 11.61
C SER A 235 24.92 15.95 10.87
N THR A 236 26.13 15.85 11.41
CA THR A 236 27.29 16.46 10.78
C THR A 236 27.46 15.98 9.35
N ASP A 237 27.25 14.68 9.11
CA ASP A 237 27.40 14.16 7.77
C ASP A 237 26.35 14.74 6.83
N CYS A 238 25.13 14.95 7.32
CA CYS A 238 24.13 15.64 6.51
C CYS A 238 24.56 17.07 6.22
N GLU A 239 25.05 17.75 7.24
CA GLU A 239 25.50 19.13 7.07
C GLU A 239 26.62 19.22 6.04
N ASN A 240 27.58 18.28 6.08
CA ASN A 240 28.67 18.30 5.12
C ASN A 240 28.18 18.00 3.70
N LEU A 241 27.15 17.17 3.57
CA LEU A 241 26.62 16.86 2.24
C LEU A 241 25.96 18.09 1.63
N LEU A 242 25.16 18.81 2.41
CA LEU A 242 24.57 20.04 1.91
C LEU A 242 25.64 20.98 1.36
N LYS A 243 26.83 20.99 1.97
CA LYS A 243 27.92 21.83 1.49
C LYS A 243 28.38 21.46 0.08
N ARG A 244 28.07 20.24 -0.39
CA ARG A 244 28.43 19.87 -1.75
C ARG A 244 27.48 20.48 -2.78
N PHE A 245 26.22 20.70 -2.37
CA PHE A 245 25.18 21.22 -3.24
C PHE A 245 25.09 22.73 -3.18
N LEU A 246 24.99 23.31 -1.97
CA LEU A 246 24.63 24.72 -1.84
C LEU A 246 25.91 25.57 -1.84
N VAL A 247 26.55 25.61 -3.00
CA VAL A 247 27.77 26.37 -3.22
C VAL A 247 27.46 27.53 -4.16
N LEU A 248 27.87 28.74 -3.79
CA LEU A 248 27.49 29.92 -4.57
C LEU A 248 28.09 29.88 -5.97
N ASN A 249 29.36 29.52 -6.07
CA ASN A 249 30.05 29.38 -7.36
C ASN A 249 29.63 28.07 -8.02
N PRO A 250 28.86 28.11 -9.12
CA PRO A 250 28.42 26.86 -9.76
C PRO A 250 29.57 25.93 -10.15
N ILE A 251 30.74 26.50 -10.46
CA ILE A 251 31.91 25.71 -10.81
C ILE A 251 32.38 24.85 -9.64
N LYS A 252 32.07 25.23 -8.41
CA LYS A 252 32.55 24.51 -7.23
C LYS A 252 31.55 23.54 -6.63
N ARG A 253 30.31 23.50 -7.12
CA ARG A 253 29.38 22.45 -6.71
C ARG A 253 29.88 21.11 -7.23
N GLY A 254 29.62 20.06 -6.46
CA GLY A 254 30.02 18.73 -6.91
C GLY A 254 29.09 18.22 -7.99
N THR A 255 29.63 17.43 -8.91
CA THR A 255 28.74 16.76 -9.83
C THR A 255 27.91 15.72 -9.08
N LEU A 256 26.80 15.32 -9.68
CA LEU A 256 25.97 14.32 -9.03
C LEU A 256 26.69 12.98 -8.94
N GLU A 257 27.54 12.67 -9.91
CA GLU A 257 28.25 11.39 -9.88
C GLU A 257 29.26 11.36 -8.74
N GLN A 258 29.89 12.51 -8.46
CA GLN A 258 30.79 12.61 -7.31
C GLN A 258 30.03 12.52 -6.00
N ILE A 259 28.94 13.28 -5.89
CA ILE A 259 28.14 13.31 -4.68
C ILE A 259 27.53 11.94 -4.36
N MET A 260 27.36 11.09 -5.36
CA MET A 260 26.85 9.74 -5.16
C MET A 260 27.76 8.89 -4.28
N LYS A 261 29.05 9.22 -4.21
CA LYS A 261 30.01 8.58 -3.33
C LYS A 261 29.98 9.14 -1.91
N ASP A 262 29.16 10.16 -1.62
CA ASP A 262 29.23 10.83 -0.34
C ASP A 262 28.90 9.88 0.81
N ARG A 263 29.45 10.20 1.98
CA ARG A 263 29.32 9.35 3.16
C ARG A 263 27.87 9.23 3.62
N TRP A 264 27.17 10.36 3.76
CA TRP A 264 25.79 10.35 4.25
C TRP A 264 24.87 9.63 3.29
N ILE A 265 25.09 9.82 1.99
CA ILE A 265 24.27 9.21 0.95
C ILE A 265 24.27 7.69 1.11
N ASN A 266 25.41 7.13 1.53
CA ASN A 266 25.59 5.69 1.49
C ASN A 266 25.56 5.05 2.85
N ALA A 267 25.29 5.80 3.91
CA ALA A 267 25.14 5.23 5.24
C ALA A 267 24.06 4.15 5.22
N GLY A 268 24.41 2.97 5.73
CA GLY A 268 23.51 1.85 5.67
C GLY A 268 23.47 1.14 4.34
N HIS A 269 24.24 1.61 3.35
CA HIS A 269 24.35 0.94 2.06
C HIS A 269 25.82 0.62 1.77
N GLU A 270 26.51 -0.02 2.71
CA GLU A 270 27.94 -0.22 2.57
C GLU A 270 28.29 -1.09 1.37
N GLU A 271 27.50 -2.14 1.12
CA GLU A 271 27.68 -2.98 -0.05
C GLU A 271 26.65 -2.65 -1.11
N ASP A 272 26.35 -1.37 -1.28
CA ASP A 272 25.28 -0.92 -2.16
C ASP A 272 25.46 0.55 -2.48
N GLU A 273 26.71 0.99 -2.62
CA GLU A 273 27.01 2.38 -2.91
C GLU A 273 26.19 2.88 -4.10
N LEU A 274 25.58 4.06 -3.94
CA LEU A 274 24.82 4.67 -5.02
C LEU A 274 25.72 4.89 -6.22
N LYS A 275 25.24 4.49 -7.39
CA LYS A 275 25.97 4.62 -8.65
C LYS A 275 25.01 5.09 -9.73
N PRO A 276 25.53 5.70 -10.81
CA PRO A 276 24.66 6.08 -11.92
C PRO A 276 23.78 4.91 -12.36
N PHE A 277 22.53 5.23 -12.67
CA PHE A 277 21.56 4.20 -13.03
C PHE A 277 21.91 3.59 -14.38
N VAL A 278 21.77 2.27 -14.45
CA VAL A 278 21.96 1.52 -15.69
C VAL A 278 20.63 0.88 -16.02
N GLU A 279 20.02 1.32 -17.13
CA GLU A 279 18.75 0.71 -17.56
C GLU A 279 18.97 -0.78 -17.79
N PRO A 280 18.15 -1.64 -17.21
CA PRO A 280 18.16 -3.03 -17.63
C PRO A 280 17.51 -3.14 -19.00
N GLU A 281 17.92 -4.15 -19.76
CA GLU A 281 17.26 -4.40 -21.04
C GLU A 281 15.85 -4.91 -20.78
N LEU A 282 14.87 -4.33 -21.47
CA LEU A 282 13.47 -4.71 -21.26
C LEU A 282 13.24 -6.14 -21.73
N ASP A 283 12.60 -6.95 -20.89
CA ASP A 283 12.21 -8.31 -21.25
C ASP A 283 10.86 -8.23 -21.96
N ILE A 284 10.85 -8.55 -23.25
CA ILE A 284 9.62 -8.50 -24.04
C ILE A 284 9.17 -9.90 -24.45
N SER A 285 9.70 -10.95 -23.82
CA SER A 285 9.29 -12.30 -24.15
C SER A 285 8.82 -13.05 -22.91
N ASP A 286 8.20 -12.36 -21.96
CA ASP A 286 7.60 -13.03 -20.81
C ASP A 286 6.37 -13.80 -21.29
N GLN A 287 6.53 -15.11 -21.46
CA GLN A 287 5.46 -15.92 -22.03
C GLN A 287 4.22 -15.94 -21.13
N LYS A 288 4.40 -15.73 -19.82
CA LYS A 288 3.24 -15.70 -18.94
C LYS A 288 2.32 -14.53 -19.28
N ARG A 289 2.89 -13.33 -19.44
CA ARG A 289 2.06 -12.18 -19.80
C ARG A 289 1.55 -12.27 -21.23
N ILE A 290 2.37 -12.78 -22.15
CA ILE A 290 1.95 -12.95 -23.53
C ILE A 290 0.71 -13.84 -23.61
N ASP A 291 0.69 -14.94 -22.85
CA ASP A 291 -0.45 -15.86 -22.88
C ASP A 291 -1.71 -15.19 -22.33
N ILE A 292 -1.58 -14.40 -21.26
CA ILE A 292 -2.70 -13.64 -20.74
C ILE A 292 -3.28 -12.75 -21.83
N MET A 293 -2.42 -12.11 -22.61
CA MET A 293 -2.86 -11.18 -23.64
C MET A 293 -3.53 -11.90 -24.81
N VAL A 294 -2.98 -13.04 -25.22
CA VAL A 294 -3.72 -13.90 -26.14
C VAL A 294 -5.13 -14.16 -25.62
N GLY A 295 -5.23 -14.49 -24.33
CA GLY A 295 -6.55 -14.68 -23.74
C GLY A 295 -7.45 -13.47 -23.85
N MET A 296 -6.86 -12.27 -23.82
CA MET A 296 -7.63 -11.04 -24.00
C MET A 296 -8.04 -10.81 -25.45
N GLY A 297 -7.60 -11.67 -26.38
CA GLY A 297 -7.99 -11.60 -27.77
C GLY A 297 -6.98 -11.02 -28.72
N TYR A 298 -5.77 -10.69 -28.26
CA TYR A 298 -4.73 -10.20 -29.15
C TYR A 298 -3.95 -11.40 -29.70
N SER A 299 -3.59 -11.33 -30.97
CA SER A 299 -2.85 -12.43 -31.57
C SER A 299 -1.39 -12.34 -31.18
N GLN A 300 -0.71 -13.48 -31.14
CA GLN A 300 0.67 -13.46 -30.70
C GLN A 300 1.57 -12.72 -31.68
N GLU A 301 1.19 -12.67 -32.96
CA GLU A 301 1.97 -11.88 -33.91
C GLU A 301 1.72 -10.39 -33.73
N GLU A 302 0.47 -10.00 -33.42
CA GLU A 302 0.19 -8.61 -33.03
C GLU A 302 1.06 -8.20 -31.85
N ILE A 303 1.11 -9.05 -30.83
CA ILE A 303 1.86 -8.77 -29.62
C ILE A 303 3.34 -8.61 -29.92
N GLN A 304 3.90 -9.57 -30.65
CA GLN A 304 5.32 -9.53 -30.98
C GLN A 304 5.67 -8.27 -31.74
N GLU A 305 4.84 -7.90 -32.72
CA GLU A 305 5.07 -6.69 -33.51
C GLU A 305 4.99 -5.43 -32.65
N SER A 306 3.97 -5.34 -31.78
CA SER A 306 3.84 -4.14 -30.94
C SER A 306 5.01 -4.01 -29.97
N LEU A 307 5.38 -5.11 -29.31
CA LEU A 307 6.47 -5.04 -28.34
C LEU A 307 7.81 -4.77 -29.02
N SER A 308 8.07 -5.45 -30.14
CA SER A 308 9.39 -5.33 -30.76
C SER A 308 9.64 -3.94 -31.32
N LYS A 309 8.58 -3.20 -31.67
CA LYS A 309 8.70 -1.83 -32.12
C LYS A 309 8.45 -0.81 -31.01
N MET A 310 7.94 -1.24 -29.86
CA MET A 310 7.72 -0.35 -28.71
C MET A 310 6.83 0.84 -29.07
N LYS A 311 5.61 0.52 -29.49
CA LYS A 311 4.69 1.50 -30.06
C LYS A 311 3.88 2.31 -29.04
N TYR A 312 3.95 2.02 -27.75
CA TYR A 312 3.08 2.66 -26.75
C TYR A 312 1.61 2.59 -27.18
N ASP A 313 1.22 1.46 -27.75
CA ASP A 313 -0.14 1.15 -28.15
C ASP A 313 -0.82 0.33 -27.06
N GLU A 314 -2.01 -0.18 -27.34
CA GLU A 314 -2.79 -0.78 -26.28
C GLU A 314 -2.20 -2.11 -25.82
N ILE A 315 -1.40 -2.73 -26.68
CA ILE A 315 -0.78 -4.01 -26.35
C ILE A 315 0.44 -3.81 -25.48
N THR A 316 1.36 -2.91 -25.87
CA THR A 316 2.53 -2.71 -25.04
C THR A 316 2.15 -2.17 -23.67
N ALA A 317 1.11 -1.32 -23.60
CA ALA A 317 0.62 -0.85 -22.32
C ALA A 317 0.13 -2.02 -21.46
N THR A 318 -0.66 -2.91 -22.05
CA THR A 318 -1.15 -4.06 -21.31
C THR A 318 0.01 -4.88 -20.76
N TYR A 319 0.99 -5.15 -21.61
CA TYR A 319 2.14 -5.95 -21.22
C TYR A 319 2.88 -5.29 -20.04
N LEU A 320 3.13 -3.97 -20.13
CA LEU A 320 3.78 -3.28 -19.03
C LEU A 320 2.92 -3.25 -17.77
N LEU A 321 1.61 -3.01 -17.93
CA LEU A 321 0.75 -2.97 -16.76
C LEU A 321 0.62 -4.35 -16.13
N LEU A 322 0.68 -5.43 -16.92
CA LEU A 322 0.66 -6.77 -16.35
C LEU A 322 1.90 -7.06 -15.52
N GLY A 323 2.96 -6.28 -15.70
CA GLY A 323 4.16 -6.39 -14.91
C GLY A 323 4.20 -5.58 -13.66
N ARG A 324 3.14 -4.84 -13.34
CA ARG A 324 3.07 -4.02 -12.14
C ARG A 324 2.05 -4.61 -11.17
N LYS A 325 2.15 -4.19 -9.91
CA LYS A 325 1.23 -4.62 -8.86
C LYS A 325 -0.20 -4.19 -9.19
N SER A 326 -1.15 -5.09 -9.00
CA SER A 326 -2.54 -4.79 -9.27
C SER A 326 -3.23 -4.16 -8.05
N SER A 327 -4.51 -3.81 -8.25
CA SER A 327 -5.39 -3.18 -7.25
C SER A 327 -4.67 -2.26 -6.26
N GLY B 1 -15.28 -43.40 0.61
CA GLY B 1 -15.35 -44.46 1.60
C GLY B 1 -15.38 -44.02 3.08
N ALA B 2 -15.71 -44.99 3.92
CA ALA B 2 -15.88 -44.83 5.36
C ALA B 2 -14.53 -44.94 6.07
N MET B 3 -14.50 -44.43 7.31
CA MET B 3 -13.28 -44.55 8.12
C MET B 3 -13.39 -45.61 9.19
N GLY B 4 -14.55 -46.25 9.32
CA GLY B 4 -14.75 -47.21 10.39
C GLY B 4 -15.84 -46.75 11.32
N SER B 5 -16.50 -47.69 11.99
CA SER B 5 -17.68 -47.36 12.78
C SER B 5 -17.34 -46.38 13.90
N ASP B 6 -16.29 -46.67 14.66
CA ASP B 6 -15.93 -45.80 15.78
C ASP B 6 -14.64 -45.02 15.52
N GLU B 7 -14.62 -44.30 14.39
CA GLU B 7 -13.57 -43.35 14.10
C GLU B 7 -14.21 -42.05 13.61
N GLN B 8 -13.43 -40.98 13.67
CA GLN B 8 -13.88 -39.69 13.16
C GLN B 8 -13.99 -39.73 11.63
N PRO B 9 -15.04 -39.13 11.06
CA PRO B 9 -15.22 -39.19 9.59
C PRO B 9 -14.20 -38.33 8.87
N HIS B 10 -14.28 -38.31 7.55
CA HIS B 10 -13.39 -37.51 6.74
C HIS B 10 -14.19 -36.75 5.71
N ILE B 11 -13.63 -35.64 5.25
CA ILE B 11 -14.10 -34.95 4.07
C ILE B 11 -12.89 -34.65 3.21
N GLY B 12 -12.89 -35.16 1.98
CA GLY B 12 -11.68 -35.01 1.18
C GLY B 12 -10.49 -35.55 1.94
N ASN B 13 -9.39 -34.80 1.93
CA ASN B 13 -8.14 -35.18 2.58
C ASN B 13 -8.09 -34.79 4.06
N TYR B 14 -9.23 -34.59 4.72
CA TYR B 14 -9.22 -34.14 6.12
C TYR B 14 -10.00 -35.08 7.02
N ARG B 15 -9.43 -35.40 8.19
CA ARG B 15 -10.18 -36.04 9.26
C ARG B 15 -10.86 -34.97 10.11
N LEU B 16 -12.16 -35.12 10.35
CA LEU B 16 -12.93 -34.13 11.11
C LEU B 16 -12.85 -34.46 12.59
N LEU B 17 -12.37 -33.50 13.39
CA LEU B 17 -12.17 -33.76 14.81
C LEU B 17 -13.22 -33.00 15.63
N LYS B 18 -12.84 -32.43 16.78
CA LYS B 18 -13.84 -31.85 17.69
C LYS B 18 -14.47 -30.56 17.13
N THR B 19 -15.72 -30.34 17.50
CA THR B 19 -16.46 -29.13 17.12
C THR B 19 -15.98 -27.96 17.99
N LEU B 20 -15.55 -26.86 17.34
CA LEU B 20 -15.18 -25.69 18.12
C LEU B 20 -16.39 -24.82 18.46
N GLY B 21 -17.37 -24.78 17.58
CA GLY B 21 -18.56 -23.96 17.80
C GLY B 21 -19.52 -24.18 16.65
N LYS B 22 -20.75 -23.75 16.88
CA LYS B 22 -21.83 -23.99 15.94
C LYS B 22 -22.71 -22.74 15.91
N GLY B 23 -23.19 -22.39 14.72
CA GLY B 23 -24.10 -21.28 14.58
C GLY B 23 -25.36 -21.70 13.88
N ASN B 24 -26.19 -20.74 13.48
CA ASN B 24 -27.43 -21.08 12.80
C ASN B 24 -27.16 -21.77 11.46
N PHE B 25 -26.15 -21.33 10.73
CA PHE B 25 -25.92 -21.85 9.39
C PHE B 25 -24.51 -22.39 9.20
N ALA B 26 -23.65 -22.33 10.20
CA ALA B 26 -22.32 -22.86 10.05
C ALA B 26 -21.88 -23.55 11.33
N LYS B 27 -20.98 -24.51 11.15
CA LYS B 27 -20.33 -25.28 12.18
C LYS B 27 -18.84 -25.17 11.90
N VAL B 28 -18.02 -25.06 12.95
CA VAL B 28 -16.57 -24.98 12.80
C VAL B 28 -15.95 -26.12 13.59
N LYS B 29 -15.12 -26.91 12.92
CA LYS B 29 -14.47 -28.07 13.53
CA LYS B 29 -14.48 -28.06 13.54
C LYS B 29 -12.97 -27.98 13.37
N ARG B 30 -12.26 -28.50 14.36
CA ARG B 30 -10.85 -28.78 14.21
C ARG B 30 -10.70 -30.02 13.32
N ALA B 31 -9.64 -30.06 12.53
CA ALA B 31 -9.45 -31.17 11.59
C ALA B 31 -7.96 -31.41 11.37
N ARG B 32 -7.66 -32.56 10.80
CA ARG B 32 -6.28 -32.93 10.50
C ARG B 32 -6.15 -33.26 9.02
N HIS B 33 -5.17 -32.63 8.38
CA HIS B 33 -4.87 -32.94 6.98
C HIS B 33 -4.15 -34.28 6.91
N ILE B 34 -4.74 -35.25 6.22
CA ILE B 34 -4.23 -36.62 6.26
C ILE B 34 -2.83 -36.68 5.66
N LEU B 35 -2.61 -35.96 4.56
CA LEU B 35 -1.36 -36.12 3.81
C LEU B 35 -0.17 -35.48 4.50
N THR B 36 -0.38 -34.39 5.22
CA THR B 36 0.72 -33.67 5.84
C THR B 36 0.69 -33.72 7.35
N GLY B 37 -0.44 -34.13 7.94
CA GLY B 37 -0.59 -34.16 9.39
C GLY B 37 -0.87 -32.81 10.00
N ARG B 38 -0.97 -31.77 9.19
CA ARG B 38 -1.15 -30.42 9.73
C ARG B 38 -2.56 -30.24 10.28
N GLU B 39 -2.63 -29.52 11.37
CA GLU B 39 -3.88 -29.14 12.00
C GLU B 39 -4.50 -27.97 11.23
N VAL B 40 -5.82 -28.03 11.02
CA VAL B 40 -6.57 -26.96 10.38
C VAL B 40 -7.91 -26.82 11.08
N ALA B 41 -8.61 -25.74 10.74
CA ALA B 41 -10.01 -25.57 11.09
C ALA B 41 -10.85 -25.67 9.82
N ILE B 42 -12.02 -26.30 9.93
CA ILE B 42 -12.92 -26.43 8.79
C ILE B 42 -14.26 -25.81 9.16
N LYS B 43 -14.73 -24.89 8.33
CA LYS B 43 -16.03 -24.28 8.47
C LYS B 43 -16.98 -25.01 7.52
N ILE B 44 -18.01 -25.63 8.09
CA ILE B 44 -18.99 -26.43 7.37
C ILE B 44 -20.29 -25.64 7.29
N ILE B 45 -20.76 -25.36 6.08
CA ILE B 45 -21.94 -24.53 5.84
C ILE B 45 -22.95 -25.34 5.05
N ASP B 46 -24.15 -25.52 5.62
CA ASP B 46 -25.24 -26.22 4.94
C ASP B 46 -25.95 -25.25 4.00
N LYS B 47 -25.71 -25.41 2.69
CA LYS B 47 -26.28 -24.50 1.69
C LYS B 47 -27.77 -24.70 1.49
N THR B 48 -28.33 -25.85 1.88
CA THR B 48 -29.76 -26.07 1.61
C THR B 48 -30.66 -25.13 2.39
N GLN B 49 -30.15 -24.49 3.44
CA GLN B 49 -30.93 -23.58 4.28
C GLN B 49 -30.86 -22.13 3.81
N LEU B 50 -30.11 -21.82 2.76
CA LEU B 50 -29.77 -20.45 2.42
C LEU B 50 -30.62 -19.97 1.25
N ASN B 51 -31.24 -18.80 1.39
CA ASN B 51 -31.87 -18.12 0.27
C ASN B 51 -30.77 -17.53 -0.62
N PRO B 52 -31.12 -17.07 -1.84
CA PRO B 52 -30.06 -16.67 -2.78
C PRO B 52 -29.21 -15.51 -2.30
N THR B 53 -29.76 -14.59 -1.50
CA THR B 53 -28.93 -13.48 -1.06
C THR B 53 -28.03 -13.88 0.10
N SER B 54 -28.49 -14.76 1.00
CA SER B 54 -27.59 -15.35 1.98
C SER B 54 -26.50 -16.17 1.30
N LEU B 55 -26.82 -16.79 0.16
CA LEU B 55 -25.81 -17.50 -0.61
C LEU B 55 -24.74 -16.54 -1.10
N GLN B 56 -25.14 -15.37 -1.59
CA GLN B 56 -24.18 -14.41 -2.13
C GLN B 56 -23.31 -13.82 -1.03
N LYS B 57 -23.91 -13.50 0.13
CA LYS B 57 -23.11 -13.15 1.30
C LYS B 57 -22.06 -14.21 1.57
N LEU B 58 -22.47 -15.49 1.56
CA LEU B 58 -21.54 -16.58 1.73
C LEU B 58 -20.41 -16.51 0.71
N PHE B 59 -20.75 -16.37 -0.57
CA PHE B 59 -19.72 -16.38 -1.61
C PHE B 59 -18.89 -15.09 -1.57
N ARG B 60 -19.51 -13.94 -1.27
CA ARG B 60 -18.75 -12.72 -1.03
C ARG B 60 -17.66 -12.95 0.01
N GLU B 61 -18.01 -13.61 1.13
CA GLU B 61 -17.05 -13.79 2.20
C GLU B 61 -15.93 -14.76 1.79
N VAL B 62 -16.24 -15.76 0.99
CA VAL B 62 -15.20 -16.61 0.39
C VAL B 62 -14.25 -15.77 -0.46
N ARG B 63 -14.80 -14.92 -1.33
CA ARG B 63 -13.95 -14.04 -2.12
C ARG B 63 -13.03 -13.20 -1.24
N ILE B 64 -13.55 -12.70 -0.11
CA ILE B 64 -12.72 -11.88 0.77
C ILE B 64 -11.56 -12.69 1.34
N MET B 65 -11.80 -13.92 1.75
CA MET B 65 -10.70 -14.75 2.26
C MET B 65 -9.60 -14.90 1.22
N LYS B 66 -9.97 -15.04 -0.06
CA LYS B 66 -8.98 -15.25 -1.11
C LYS B 66 -8.19 -13.97 -1.38
N ILE B 67 -8.81 -12.81 -1.16
CA ILE B 67 -8.15 -11.52 -1.33
C ILE B 67 -7.13 -11.27 -0.24
N LEU B 68 -7.48 -11.58 1.02
CA LEU B 68 -6.66 -11.25 2.19
C LEU B 68 -5.61 -12.33 2.39
N ASN B 69 -4.34 -11.96 2.19
CA ASN B 69 -3.21 -12.87 2.33
C ASN B 69 -2.16 -12.18 3.22
N HIS B 70 -2.32 -12.32 4.53
CA HIS B 70 -1.51 -11.65 5.54
C HIS B 70 -1.26 -12.66 6.66
N PRO B 71 -0.06 -12.64 7.26
CA PRO B 71 0.27 -13.66 8.29
C PRO B 71 -0.48 -13.52 9.60
N ASN B 72 -1.22 -12.43 9.80
CA ASN B 72 -2.02 -12.28 11.02
C ASN B 72 -3.50 -12.19 10.69
N ILE B 73 -3.91 -12.78 9.56
CA ILE B 73 -5.30 -12.92 9.15
C ILE B 73 -5.55 -14.37 8.81
N ILE B 74 -6.64 -14.96 9.33
CA ILE B 74 -6.95 -16.37 9.07
C ILE B 74 -6.94 -16.63 7.57
N LYS B 75 -6.09 -17.55 7.12
CA LYS B 75 -5.87 -17.84 5.71
C LYS B 75 -6.68 -19.06 5.26
N LEU B 76 -7.25 -18.98 4.06
CA LEU B 76 -7.95 -20.09 3.45
C LEU B 76 -6.96 -21.00 2.73
N PHE B 77 -7.06 -22.32 2.96
CA PHE B 77 -6.24 -23.32 2.30
C PHE B 77 -6.97 -24.11 1.23
N GLU B 78 -8.25 -24.45 1.44
CA GLU B 78 -8.90 -25.36 0.50
C GLU B 78 -10.40 -25.16 0.57
N VAL B 79 -11.05 -25.36 -0.56
CA VAL B 79 -12.51 -25.34 -0.69
C VAL B 79 -12.96 -26.71 -1.19
N ILE B 80 -13.85 -27.34 -0.44
CA ILE B 80 -14.57 -28.54 -0.87
C ILE B 80 -16.04 -28.19 -0.90
N GLU B 81 -16.72 -28.53 -2.00
CA GLU B 81 -18.09 -28.11 -2.18
C GLU B 81 -18.89 -29.22 -2.83
N THR B 82 -20.03 -29.55 -2.23
CA THR B 82 -21.04 -30.40 -2.82
C THR B 82 -22.25 -29.54 -3.15
N GLU B 83 -23.28 -30.19 -3.68
CA GLU B 83 -24.54 -29.49 -3.95
C GLU B 83 -25.13 -28.92 -2.67
N LYS B 84 -24.99 -29.64 -1.56
CA LYS B 84 -25.63 -29.27 -0.29
C LYS B 84 -24.71 -28.55 0.68
N THR B 85 -23.40 -28.77 0.60
CA THR B 85 -22.51 -28.37 1.68
C THR B 85 -21.26 -27.70 1.12
N LEU B 86 -20.77 -26.71 1.85
CA LEU B 86 -19.55 -26.00 1.53
C LEU B 86 -18.59 -26.16 2.70
N TYR B 87 -17.39 -26.64 2.42
CA TYR B 87 -16.36 -26.84 3.41
C TYR B 87 -15.23 -25.86 3.13
N LEU B 88 -14.89 -25.02 4.10
CA LEU B 88 -13.79 -24.09 3.96
C LEU B 88 -12.69 -24.50 4.93
N ILE B 89 -11.54 -24.86 4.38
CA ILE B 89 -10.40 -25.33 5.16
C ILE B 89 -9.49 -24.14 5.35
N MET B 90 -9.18 -23.80 6.61
CA MET B 90 -8.45 -22.57 6.92
C MET B 90 -7.55 -22.78 8.14
N GLU B 91 -6.78 -21.76 8.45
CA GLU B 91 -5.88 -21.80 9.60
C GLU B 91 -6.62 -22.05 10.90
N TYR B 92 -5.97 -22.76 11.81
CA TYR B 92 -6.47 -23.00 13.15
C TYR B 92 -5.60 -22.25 14.16
N ALA B 93 -6.22 -21.40 14.98
CA ALA B 93 -5.51 -20.62 16.01
C ALA B 93 -5.63 -21.38 17.33
N SER B 94 -4.61 -22.17 17.66
CA SER B 94 -4.79 -23.14 18.73
C SER B 94 -4.84 -22.53 20.12
N LYS B 95 -4.61 -21.23 20.27
CA LYS B 95 -4.69 -20.66 21.59
C LYS B 95 -5.94 -19.82 21.79
N GLY B 96 -6.84 -19.79 20.81
CA GLY B 96 -8.17 -19.29 21.05
C GLY B 96 -8.30 -17.77 21.00
N GLU B 97 -9.38 -17.29 21.62
CA GLU B 97 -9.74 -15.88 21.54
C GLU B 97 -8.89 -15.03 22.49
N VAL B 98 -8.47 -13.86 22.01
CA VAL B 98 -7.74 -12.91 22.84
C VAL B 98 -8.55 -12.57 24.09
N TYR B 99 -9.86 -12.38 23.95
CA TYR B 99 -10.71 -12.05 25.10
C TYR B 99 -10.55 -13.08 26.19
N ASP B 100 -10.66 -14.36 25.84
CA ASP B 100 -10.56 -15.42 26.84
C ASP B 100 -9.17 -15.41 27.47
N TYR B 101 -8.13 -15.22 26.66
CA TYR B 101 -6.78 -15.19 27.19
C TYR B 101 -6.62 -14.06 28.20
N LEU B 102 -7.10 -12.86 27.87
CA LEU B 102 -6.99 -11.73 28.78
C LEU B 102 -7.73 -11.99 30.09
N VAL B 103 -8.91 -12.60 30.03
CA VAL B 103 -9.66 -12.86 31.24
C VAL B 103 -8.96 -13.91 32.09
N GLU B 104 -8.36 -14.91 31.44
CA GLU B 104 -7.71 -15.98 32.19
C GLU B 104 -6.40 -15.52 32.81
N HIS B 105 -5.64 -14.69 32.12
CA HIS B 105 -4.29 -14.35 32.53
C HIS B 105 -4.10 -12.90 32.88
N GLY B 106 -5.09 -12.05 32.68
CA GLY B 106 -4.90 -10.65 32.98
C GLY B 106 -4.15 -9.91 31.89
N ARG B 107 -3.83 -8.65 32.18
CA ARG B 107 -3.26 -7.78 31.18
C ARG B 107 -1.89 -8.25 30.71
N MET B 108 -1.57 -7.92 29.47
CA MET B 108 -0.24 -8.18 28.93
C MET B 108 0.73 -7.10 29.37
N LYS B 109 1.96 -7.49 29.67
CA LYS B 109 2.99 -6.47 29.80
C LYS B 109 3.12 -5.74 28.46
N GLU B 110 3.51 -4.47 28.52
CA GLU B 110 3.47 -3.63 27.33
C GLU B 110 4.35 -4.18 26.22
N LYS B 111 5.42 -4.89 26.57
CA LYS B 111 6.26 -5.50 25.53
C LYS B 111 5.49 -6.60 24.79
N GLU B 112 4.74 -7.44 25.51
CA GLU B 112 3.95 -8.46 24.83
C GLU B 112 2.75 -7.86 24.11
N ALA B 113 2.10 -6.86 24.73
CA ALA B 113 1.02 -6.15 24.05
C ALA B 113 1.51 -5.52 22.75
N ARG B 114 2.74 -4.99 22.76
CA ARG B 114 3.27 -4.32 21.57
C ARG B 114 3.44 -5.29 20.42
N SER B 115 3.96 -6.49 20.68
CA SER B 115 4.13 -7.45 19.60
CA SER B 115 4.13 -7.46 19.61
C SER B 115 2.79 -7.80 18.97
N LYS B 116 1.74 -7.97 19.78
CA LYS B 116 0.45 -8.31 19.22
C LYS B 116 -0.15 -7.12 18.49
N PHE B 117 -0.03 -5.92 19.05
CA PHE B 117 -0.70 -4.78 18.45
C PHE B 117 -0.04 -4.37 17.14
N ARG B 118 1.27 -4.57 17.01
CA ARG B 118 1.91 -4.43 15.70
C ARG B 118 1.27 -5.35 14.68
N GLN B 119 1.03 -6.61 15.07
CA GLN B 119 0.37 -7.55 14.17
C GLN B 119 -1.03 -7.08 13.82
N ILE B 120 -1.77 -6.59 14.81
CA ILE B 120 -3.14 -6.14 14.59
C ILE B 120 -3.18 -4.93 13.67
N VAL B 121 -2.38 -3.92 13.99
CA VAL B 121 -2.38 -2.71 13.18
C VAL B 121 -1.97 -3.04 11.75
N SER B 122 -0.95 -3.88 11.59
CA SER B 122 -0.52 -4.28 10.26
C SER B 122 -1.66 -4.92 9.48
N ALA B 123 -2.38 -5.85 10.12
CA ALA B 123 -3.44 -6.59 9.43
C ALA B 123 -4.56 -5.66 9.01
N VAL B 124 -4.99 -4.78 9.91
CA VAL B 124 -6.13 -3.93 9.61
C VAL B 124 -5.77 -2.89 8.56
N GLN B 125 -4.59 -2.26 8.68
CA GLN B 125 -4.15 -1.34 7.63
C GLN B 125 -4.06 -2.04 6.28
N TYR B 126 -3.59 -3.30 6.29
CA TYR B 126 -3.55 -4.08 5.05
C TYR B 126 -4.95 -4.31 4.50
N CYS B 127 -5.92 -4.62 5.38
CA CYS B 127 -7.31 -4.76 4.93
C CYS B 127 -7.81 -3.48 4.31
N HIS B 128 -7.51 -2.34 4.95
CA HIS B 128 -7.91 -1.05 4.38
C HIS B 128 -7.28 -0.82 3.00
N GLN B 129 -6.02 -1.26 2.80
CA GLN B 129 -5.42 -1.20 1.46
C GLN B 129 -6.31 -1.90 0.44
N LYS B 130 -6.84 -3.05 0.81
CA LYS B 130 -7.73 -3.80 -0.06
C LYS B 130 -9.14 -3.26 -0.08
N ARG B 131 -9.37 -2.05 0.46
CA ARG B 131 -10.70 -1.43 0.48
C ARG B 131 -11.72 -2.30 1.24
N ILE B 132 -11.27 -3.00 2.27
CA ILE B 132 -12.16 -3.77 3.14
C ILE B 132 -12.15 -3.10 4.51
N VAL B 133 -13.24 -2.42 4.83
CA VAL B 133 -13.45 -1.79 6.13
C VAL B 133 -14.47 -2.64 6.89
N HIS B 134 -14.17 -2.98 8.14
CA HIS B 134 -15.04 -3.91 8.88
C HIS B 134 -16.22 -3.20 9.54
N ARG B 135 -15.94 -2.21 10.38
CA ARG B 135 -16.93 -1.41 11.10
C ARG B 135 -17.69 -2.20 12.15
N ASP B 136 -17.14 -3.35 12.54
CA ASP B 136 -17.65 -4.17 13.63
C ASP B 136 -16.47 -4.82 14.37
N LEU B 137 -15.33 -4.17 14.34
CA LEU B 137 -14.10 -4.74 14.89
C LEU B 137 -14.21 -4.82 16.40
N LYS B 138 -14.05 -6.02 16.95
CA LYS B 138 -14.25 -6.29 18.36
C LYS B 138 -13.41 -7.50 18.78
N ALA B 139 -13.54 -7.89 20.05
CA ALA B 139 -12.69 -8.94 20.61
C ALA B 139 -12.84 -10.25 19.84
N GLU B 140 -14.07 -10.58 19.42
CA GLU B 140 -14.32 -11.85 18.73
C GLU B 140 -13.56 -11.97 17.40
N ASN B 141 -13.08 -10.86 16.84
CA ASN B 141 -12.28 -10.96 15.63
C ASN B 141 -10.83 -11.36 15.91
N LEU B 142 -10.41 -11.47 17.17
CA LEU B 142 -8.99 -11.59 17.51
C LEU B 142 -8.71 -12.94 18.13
N LEU B 143 -7.89 -13.74 17.45
CA LEU B 143 -7.49 -15.07 17.89
C LEU B 143 -5.98 -15.13 18.03
N LEU B 144 -5.50 -16.19 18.69
CA LEU B 144 -4.07 -16.42 18.91
C LEU B 144 -3.66 -17.79 18.41
N ASP B 145 -2.55 -17.86 17.68
CA ASP B 145 -2.09 -19.17 17.23
C ASP B 145 -1.18 -19.78 18.28
N ALA B 146 -0.64 -20.97 17.96
CA ALA B 146 0.16 -21.72 18.92
C ALA B 146 1.33 -20.91 19.45
N ASP B 147 1.86 -19.99 18.64
CA ASP B 147 3.01 -19.19 19.02
C ASP B 147 2.61 -17.84 19.59
N MET B 148 1.34 -17.69 19.99
CA MET B 148 0.81 -16.43 20.49
C MET B 148 0.89 -15.30 19.46
N ASN B 149 0.90 -15.65 18.17
CA ASN B 149 0.72 -14.66 17.11
C ASN B 149 -0.76 -14.41 16.89
N ILE B 150 -1.11 -13.15 16.60
CA ILE B 150 -2.49 -12.77 16.34
C ILE B 150 -2.95 -13.35 15.01
N LYS B 151 -4.20 -13.82 14.96
CA LYS B 151 -4.86 -14.16 13.71
C LYS B 151 -6.25 -13.53 13.73
N ILE B 152 -6.52 -12.68 12.76
CA ILE B 152 -7.80 -11.99 12.69
C ILE B 152 -8.81 -12.83 11.92
N ALA B 153 -9.99 -13.03 12.51
CA ALA B 153 -11.06 -13.80 11.89
C ALA B 153 -12.24 -12.88 11.57
N ASP B 154 -12.96 -13.21 10.49
CA ASP B 154 -14.23 -12.59 10.13
C ASP B 154 -14.14 -11.09 9.79
N PHE B 155 -12.97 -10.58 9.45
CA PHE B 155 -12.87 -9.15 9.14
C PHE B 155 -13.52 -8.91 7.77
N GLY B 156 -14.51 -8.00 7.74
CA GLY B 156 -15.28 -7.75 6.55
C GLY B 156 -16.52 -8.58 6.41
N PHE B 157 -16.76 -9.53 7.31
CA PHE B 157 -17.87 -10.47 7.15
C PHE B 157 -19.14 -9.96 7.82
N SER B 158 -20.26 -10.50 7.36
CA SER B 158 -21.51 -10.48 8.09
C SER B 158 -21.44 -11.45 9.26
N ASN B 159 -22.52 -11.53 10.02
CA ASN B 159 -22.67 -12.51 11.08
C ASN B 159 -23.36 -13.79 10.63
N GLU B 160 -23.80 -13.86 9.37
CA GLU B 160 -24.65 -14.96 8.94
C GLU B 160 -23.99 -16.31 9.19
N PHE B 161 -22.67 -16.40 9.01
CA PHE B 161 -21.96 -17.67 9.04
C PHE B 161 -20.99 -17.79 10.24
N THR B 162 -21.26 -17.07 11.32
CA THR B 162 -20.51 -17.20 12.56
C THR B 162 -21.20 -18.19 13.51
N VAL B 163 -20.55 -18.47 14.65
CA VAL B 163 -21.11 -19.36 15.66
C VAL B 163 -21.94 -18.55 16.66
N GLY B 164 -22.79 -19.25 17.41
CA GLY B 164 -23.66 -18.61 18.39
C GLY B 164 -25.08 -18.40 17.86
N GLY B 165 -25.86 -17.65 18.64
CA GLY B 165 -27.19 -17.28 18.20
C GLY B 165 -27.18 -16.09 17.26
N LYS B 166 -28.30 -15.88 16.56
CA LYS B 166 -28.42 -14.73 15.68
C LYS B 166 -28.19 -13.44 16.44
N LEU B 167 -28.70 -13.37 17.67
CA LEU B 167 -28.45 -12.28 18.59
C LEU B 167 -27.26 -12.61 19.49
N ASP B 168 -26.12 -12.87 18.84
CA ASP B 168 -24.82 -12.85 19.48
C ASP B 168 -23.87 -11.81 18.88
N THR B 169 -24.11 -11.39 17.65
CA THR B 169 -23.26 -10.35 17.07
C THR B 169 -23.25 -9.09 17.93
N PHE B 170 -24.37 -8.77 18.58
CA PHE B 170 -24.44 -7.53 19.37
C PHE B 170 -23.78 -7.63 20.73
N CYS B 171 -23.38 -8.84 21.17
CA CYS B 171 -22.82 -9.00 22.51
C CYS B 171 -21.57 -8.15 22.70
N GLY B 172 -20.65 -8.21 21.73
CA GLY B 172 -19.34 -7.64 21.97
C GLY B 172 -19.04 -6.33 21.27
N SER B 173 -19.94 -5.85 20.44
CA SER B 173 -19.60 -4.76 19.54
C SER B 173 -19.77 -3.34 20.11
N PRO B 174 -20.76 -3.07 20.96
CA PRO B 174 -20.97 -1.68 21.40
C PRO B 174 -19.75 -1.07 22.09
N PRO B 175 -19.05 -1.78 22.97
CA PRO B 175 -17.89 -1.14 23.62
C PRO B 175 -16.76 -0.79 22.65
N TYR B 176 -16.76 -1.36 21.45
CA TYR B 176 -15.76 -1.05 20.45
C TYR B 176 -16.24 -0.05 19.40
N ALA B 177 -17.48 0.42 19.51
CA ALA B 177 -18.06 1.30 18.50
C ALA B 177 -17.53 2.72 18.64
N ALA B 178 -17.35 3.37 17.50
CA ALA B 178 -16.89 4.75 17.43
C ALA B 178 -18.02 5.68 17.84
N PRO B 179 -17.71 6.86 18.40
CA PRO B 179 -18.77 7.77 18.85
C PRO B 179 -19.73 8.19 17.75
N GLU B 180 -19.28 8.21 16.49
CA GLU B 180 -20.17 8.53 15.38
C GLU B 180 -21.39 7.61 15.36
N LEU B 181 -21.26 6.38 15.86
CA LEU B 181 -22.44 5.51 15.96
C LEU B 181 -23.60 6.21 16.66
N PHE B 182 -23.30 7.08 17.62
CA PHE B 182 -24.32 7.67 18.45
C PHE B 182 -24.60 9.12 18.13
N GLN B 183 -24.33 9.53 16.88
CA GLN B 183 -24.54 10.92 16.51
C GLN B 183 -25.26 11.07 15.17
N GLY B 184 -25.85 10.00 14.65
CA GLY B 184 -26.81 10.15 13.57
C GLY B 184 -26.24 10.40 12.19
N LYS B 185 -24.93 10.34 12.04
CA LYS B 185 -24.24 10.60 10.78
C LYS B 185 -23.78 9.27 10.16
N LYS B 186 -22.92 9.36 9.15
CA LYS B 186 -22.40 8.18 8.51
CA LYS B 186 -22.39 8.18 8.50
C LYS B 186 -21.57 7.35 9.48
N TYR B 187 -21.58 6.03 9.29
CA TYR B 187 -20.79 5.09 10.08
C TYR B 187 -20.15 4.08 9.13
N ASP B 188 -19.20 4.54 8.29
CA ASP B 188 -18.68 3.64 7.27
C ASP B 188 -17.22 3.81 6.91
N GLY B 189 -16.48 4.77 7.47
CA GLY B 189 -15.13 5.01 7.02
C GLY B 189 -14.08 4.23 7.76
N PRO B 190 -12.85 4.25 7.24
CA PRO B 190 -11.74 3.59 7.95
C PRO B 190 -11.53 4.11 9.38
N GLU B 191 -11.89 5.36 9.63
CA GLU B 191 -11.72 5.96 10.95
C GLU B 191 -12.50 5.19 12.00
N VAL B 192 -13.58 4.53 11.60
CA VAL B 192 -14.34 3.72 12.55
C VAL B 192 -13.46 2.60 13.09
N ASP B 193 -12.74 1.91 12.18
CA ASP B 193 -11.86 0.83 12.62
C ASP B 193 -10.72 1.36 13.48
N VAL B 194 -10.23 2.57 13.17
CA VAL B 194 -9.15 3.16 13.94
C VAL B 194 -9.57 3.33 15.40
N TRP B 195 -10.80 3.80 15.63
CA TRP B 195 -11.29 3.94 17.01
C TRP B 195 -11.30 2.59 17.72
N SER B 196 -11.90 1.58 17.07
CA SER B 196 -11.90 0.23 17.64
C SER B 196 -10.48 -0.26 17.94
N LEU B 197 -9.49 0.15 17.13
CA LEU B 197 -8.12 -0.27 17.41
C LEU B 197 -7.60 0.35 18.69
N GLY B 198 -8.08 1.54 19.04
CA GLY B 198 -7.71 2.13 20.32
C GLY B 198 -8.31 1.37 21.48
N VAL B 199 -9.58 0.96 21.36
CA VAL B 199 -10.19 0.15 22.40
C VAL B 199 -9.42 -1.16 22.57
N ILE B 200 -9.06 -1.77 21.45
CA ILE B 200 -8.28 -3.01 21.47
C ILE B 200 -6.97 -2.80 22.22
N LEU B 201 -6.22 -1.76 21.84
CA LEU B 201 -4.97 -1.46 22.52
C LEU B 201 -5.19 -1.35 24.02
N TYR B 202 -6.23 -0.62 24.42
CA TYR B 202 -6.51 -0.44 25.84
C TYR B 202 -6.76 -1.78 26.54
N THR B 203 -7.53 -2.68 25.93
CA THR B 203 -7.78 -3.97 26.56
C THR B 203 -6.51 -4.82 26.65
N LEU B 204 -5.61 -4.71 25.68
CA LEU B 204 -4.39 -5.51 25.74
C LEU B 204 -3.55 -5.11 26.95
N VAL B 205 -3.37 -3.81 27.16
CA VAL B 205 -2.46 -3.35 28.20
C VAL B 205 -3.11 -3.24 29.57
N SER B 206 -4.43 -3.09 29.65
CA SER B 206 -5.12 -2.97 30.93
C SER B 206 -5.91 -4.20 31.35
N GLY B 207 -6.30 -5.05 30.40
CA GLY B 207 -7.14 -6.18 30.71
C GLY B 207 -8.62 -5.86 30.85
N SER B 208 -9.04 -4.63 30.57
CA SER B 208 -10.45 -4.28 30.67
C SER B 208 -10.79 -3.30 29.58
N LEU B 209 -12.09 -2.98 29.48
CA LEU B 209 -12.52 -2.05 28.45
C LEU B 209 -12.37 -0.60 28.92
N PRO B 210 -12.14 0.34 28.00
CA PRO B 210 -12.08 1.75 28.40
C PRO B 210 -13.45 2.34 28.59
N PHE B 211 -14.43 1.86 27.81
CA PHE B 211 -15.80 2.37 27.85
C PHE B 211 -16.74 1.21 28.09
N ASP B 212 -17.57 1.34 29.13
CA ASP B 212 -18.50 0.29 29.49
C ASP B 212 -19.72 0.91 30.15
N GLY B 213 -20.74 0.09 30.35
CA GLY B 213 -21.92 0.51 31.06
C GLY B 213 -22.84 -0.69 31.17
N GLN B 214 -23.85 -0.53 32.00
CA GLN B 214 -24.78 -1.61 32.25
C GLN B 214 -25.96 -1.61 31.29
N ASN B 215 -25.98 -0.69 30.31
CA ASN B 215 -26.96 -0.68 29.24
C ASN B 215 -26.47 0.27 28.16
N LEU B 216 -27.25 0.41 27.08
CA LEU B 216 -26.79 1.17 25.93
C LEU B 216 -26.71 2.66 26.23
N LYS B 217 -27.66 3.19 27.01
CA LYS B 217 -27.60 4.60 27.37
C LYS B 217 -26.31 4.92 28.13
N GLU B 218 -26.01 4.11 29.14
CA GLU B 218 -24.82 4.33 29.95
C GLU B 218 -23.57 4.20 29.10
N LEU B 219 -23.50 3.17 28.24
CA LEU B 219 -22.34 3.03 27.37
C LEU B 219 -22.22 4.22 26.43
N ARG B 220 -23.32 4.64 25.82
CA ARG B 220 -23.29 5.80 24.94
C ARG B 220 -22.72 7.02 25.65
N GLU B 221 -23.20 7.27 26.87
CA GLU B 221 -22.71 8.39 27.66
C GLU B 221 -21.20 8.39 27.76
N ARG B 222 -20.62 7.21 28.06
CA ARG B 222 -19.19 7.10 28.28
C ARG B 222 -18.41 7.25 26.98
N VAL B 223 -18.92 6.67 25.89
CA VAL B 223 -18.23 6.78 24.60
C VAL B 223 -18.24 8.22 24.12
N LEU B 224 -19.38 8.90 24.23
CA LEU B 224 -19.49 10.27 23.74
C LEU B 224 -18.64 11.23 24.56
N ARG B 225 -18.53 11.00 25.88
CA ARG B 225 -17.65 11.83 26.70
C ARG B 225 -16.18 11.61 26.36
N GLY B 226 -15.83 10.40 25.94
CA GLY B 226 -14.51 10.07 25.46
C GLY B 226 -13.44 9.94 26.53
N LYS B 227 -13.81 9.96 27.80
CA LYS B 227 -12.85 9.87 28.88
C LYS B 227 -12.72 8.43 29.37
N TYR B 228 -11.52 8.09 29.86
CA TYR B 228 -11.18 6.74 30.24
C TYR B 228 -10.01 6.78 31.20
N ARG B 229 -9.92 5.77 32.05
CA ARG B 229 -8.93 5.76 33.11
C ARG B 229 -7.56 5.37 32.56
N ILE B 230 -6.53 6.06 33.04
CA ILE B 230 -5.15 5.67 32.78
C ILE B 230 -4.65 4.90 33.99
N PRO B 231 -4.39 3.60 33.90
CA PRO B 231 -3.88 2.87 35.05
C PRO B 231 -2.48 3.33 35.44
N PHE B 232 -2.15 3.14 36.73
CA PHE B 232 -0.87 3.63 37.25
C PHE B 232 0.33 3.05 36.51
N TYR B 233 0.18 1.83 36.00
CA TYR B 233 1.29 1.12 35.41
C TYR B 233 1.49 1.42 33.93
N MET B 234 0.57 2.13 33.31
CA MET B 234 0.66 2.37 31.88
C MET B 234 1.69 3.43 31.58
N SER B 235 2.59 3.14 30.65
CA SER B 235 3.64 4.10 30.30
C SER B 235 3.02 5.35 29.68
N THR B 236 3.74 6.46 29.82
CA THR B 236 3.30 7.70 29.17
C THR B 236 3.28 7.56 27.65
N ASP B 237 4.21 6.79 27.06
CA ASP B 237 4.17 6.59 25.60
C ASP B 237 2.92 5.82 25.18
N CYS B 238 2.55 4.77 25.90
CA CYS B 238 1.32 4.05 25.59
C CYS B 238 0.10 4.95 25.75
N GLU B 239 0.12 5.80 26.78
CA GLU B 239 -0.96 6.76 26.97
C GLU B 239 -1.02 7.76 25.81
N ASN B 240 0.13 8.23 25.35
CA ASN B 240 0.15 9.15 24.20
C ASN B 240 -0.34 8.46 22.94
N LEU B 241 0.00 7.17 22.77
CA LEU B 241 -0.46 6.42 21.60
C LEU B 241 -1.98 6.30 21.61
N LEU B 242 -2.56 5.93 22.75
CA LEU B 242 -4.02 5.82 22.86
C LEU B 242 -4.70 7.09 22.42
N LYS B 243 -4.08 8.26 22.67
CA LYS B 243 -4.65 9.54 22.26
C LYS B 243 -4.75 9.70 20.75
N ARG B 244 -3.96 8.96 19.97
CA ARG B 244 -4.08 9.05 18.52
C ARG B 244 -5.32 8.33 18.03
N PHE B 245 -5.75 7.29 18.73
CA PHE B 245 -6.86 6.46 18.30
C PHE B 245 -8.19 7.01 18.80
N LEU B 246 -8.27 7.28 20.10
CA LEU B 246 -9.54 7.58 20.76
C LEU B 246 -9.79 9.09 20.72
N VAL B 247 -9.93 9.59 19.50
CA VAL B 247 -10.29 10.99 19.23
C VAL B 247 -11.76 11.03 18.85
N LEU B 248 -12.52 11.90 19.53
CA LEU B 248 -13.96 11.97 19.32
C LEU B 248 -14.30 12.35 17.88
N ASN B 249 -13.65 13.39 17.38
CA ASN B 249 -13.84 13.92 16.03
C ASN B 249 -13.16 13.00 15.02
N PRO B 250 -13.93 12.23 14.24
CA PRO B 250 -13.29 11.30 13.30
C PRO B 250 -12.35 11.97 12.31
N ILE B 251 -12.58 13.25 11.98
CA ILE B 251 -11.71 13.98 11.07
C ILE B 251 -10.31 14.15 11.65
N LYS B 252 -10.21 14.26 12.98
CA LYS B 252 -8.93 14.48 13.64
C LYS B 252 -8.32 13.20 14.20
N ARG B 253 -9.00 12.07 14.08
CA ARG B 253 -8.44 10.80 14.49
C ARG B 253 -7.19 10.50 13.65
N GLY B 254 -6.16 9.96 14.28
CA GLY B 254 -4.94 9.66 13.55
C GLY B 254 -5.18 8.62 12.47
N THR B 255 -4.36 8.67 11.41
CA THR B 255 -4.40 7.64 10.39
C THR B 255 -3.44 6.51 10.74
N LEU B 256 -3.71 5.34 10.19
CA LEU B 256 -2.88 4.20 10.56
C LEU B 256 -1.46 4.38 10.05
N GLU B 257 -1.30 4.88 8.83
CA GLU B 257 0.04 5.04 8.26
C GLU B 257 0.92 5.94 9.12
N GLN B 258 0.33 6.98 9.70
CA GLN B 258 1.12 7.84 10.58
C GLN B 258 1.26 7.22 11.97
N ILE B 259 0.23 6.53 12.46
CA ILE B 259 0.31 5.84 13.76
C ILE B 259 1.37 4.76 13.77
N MET B 260 1.67 4.17 12.60
CA MET B 260 2.71 3.16 12.55
C MET B 260 4.07 3.70 12.95
N LYS B 261 4.25 5.03 12.86
CA LYS B 261 5.51 5.69 13.17
C LYS B 261 5.67 6.01 14.65
N ASP B 262 4.64 5.73 15.46
CA ASP B 262 4.61 6.09 16.86
C ASP B 262 5.73 5.44 17.67
N ARG B 263 6.24 6.19 18.65
CA ARG B 263 7.39 5.74 19.43
C ARG B 263 7.09 4.44 20.17
N TRP B 264 5.90 4.33 20.77
CA TRP B 264 5.56 3.13 21.54
C TRP B 264 5.45 1.92 20.63
N ILE B 265 4.78 2.10 19.50
CA ILE B 265 4.63 1.03 18.52
C ILE B 265 5.98 0.43 18.15
N ASN B 266 7.03 1.26 18.14
CA ASN B 266 8.32 0.85 17.60
C ASN B 266 9.40 0.63 18.64
N ALA B 267 9.10 0.78 19.93
CA ALA B 267 10.12 0.55 20.96
C ALA B 267 10.61 -0.89 20.88
N GLY B 268 11.93 -1.06 20.92
CA GLY B 268 12.53 -2.35 20.66
C GLY B 268 12.54 -2.76 19.21
N HIS B 269 12.07 -1.90 18.31
CA HIS B 269 12.07 -2.12 16.87
C HIS B 269 12.68 -0.93 16.16
N GLU B 270 13.70 -0.31 16.78
CA GLU B 270 14.18 0.98 16.31
C GLU B 270 14.65 0.93 14.85
N GLU B 271 15.33 -0.15 14.47
CA GLU B 271 15.79 -0.27 13.10
C GLU B 271 14.78 -0.97 12.20
N ASP B 272 13.60 -1.30 12.74
CA ASP B 272 12.63 -2.12 12.05
C ASP B 272 11.24 -1.51 12.21
N GLU B 273 11.12 -0.23 11.82
CA GLU B 273 9.87 0.51 11.99
C GLU B 273 8.70 -0.19 11.30
N LEU B 274 7.54 -0.15 11.94
CA LEU B 274 6.34 -0.74 11.37
C LEU B 274 5.92 0.05 10.14
N LYS B 275 5.61 -0.66 9.06
CA LYS B 275 5.29 -0.08 7.76
C LYS B 275 4.09 -0.81 7.20
N PRO B 276 3.33 -0.17 6.30
CA PRO B 276 2.28 -0.90 5.58
C PRO B 276 2.81 -2.24 5.08
N PHE B 277 2.01 -3.29 5.26
CA PHE B 277 2.40 -4.61 4.83
C PHE B 277 2.53 -4.65 3.31
N VAL B 278 3.59 -5.28 2.84
CA VAL B 278 3.79 -5.52 1.41
C VAL B 278 3.63 -7.03 1.19
N GLU B 279 2.60 -7.40 0.45
CA GLU B 279 2.33 -8.81 0.20
C GLU B 279 3.45 -9.39 -0.66
N PRO B 280 4.19 -10.39 -0.20
CA PRO B 280 5.23 -10.96 -1.06
C PRO B 280 4.61 -11.83 -2.15
N GLU B 281 5.39 -12.09 -3.19
CA GLU B 281 4.93 -13.03 -4.20
C GLU B 281 5.01 -14.45 -3.64
N LEU B 282 3.96 -15.23 -3.86
CA LEU B 282 3.93 -16.61 -3.42
C LEU B 282 5.00 -17.41 -4.13
N ASP B 283 5.81 -18.14 -3.38
CA ASP B 283 6.78 -19.04 -4.00
C ASP B 283 6.06 -20.33 -4.35
N ILE B 284 5.85 -20.56 -5.65
CA ILE B 284 5.23 -21.80 -6.14
C ILE B 284 6.26 -22.79 -6.69
N SER B 285 7.54 -22.52 -6.49
CA SER B 285 8.62 -23.27 -7.11
C SER B 285 9.51 -23.97 -6.09
N ASP B 286 9.02 -24.17 -4.87
CA ASP B 286 9.80 -24.84 -3.82
C ASP B 286 9.86 -26.32 -4.17
N GLN B 287 10.99 -26.74 -4.75
CA GLN B 287 11.14 -28.10 -5.24
C GLN B 287 11.23 -29.13 -4.11
N LYS B 288 11.59 -28.70 -2.90
CA LYS B 288 11.57 -29.63 -1.77
C LYS B 288 10.15 -30.09 -1.48
N ARG B 289 9.19 -29.17 -1.54
CA ARG B 289 7.81 -29.51 -1.28
C ARG B 289 7.18 -30.23 -2.48
N ILE B 290 7.51 -29.77 -3.68
CA ILE B 290 7.02 -30.42 -4.89
C ILE B 290 7.47 -31.89 -4.94
N ASP B 291 8.76 -32.13 -4.68
CA ASP B 291 9.25 -33.50 -4.65
C ASP B 291 8.52 -34.34 -3.59
N ILE B 292 8.24 -33.76 -2.42
CA ILE B 292 7.48 -34.49 -1.42
C ILE B 292 6.10 -34.85 -1.96
N MET B 293 5.49 -33.96 -2.73
CA MET B 293 4.15 -34.23 -3.23
CA MET B 293 4.15 -34.24 -3.22
C MET B 293 4.14 -35.30 -4.32
N VAL B 294 5.19 -35.35 -5.16
CA VAL B 294 5.29 -36.43 -6.14
C VAL B 294 5.36 -37.76 -5.40
N GLY B 295 6.15 -37.81 -4.32
CA GLY B 295 6.18 -39.00 -3.48
C GLY B 295 4.83 -39.40 -2.91
N MET B 296 3.91 -38.45 -2.76
CA MET B 296 2.55 -38.81 -2.32
C MET B 296 1.67 -39.38 -3.44
N GLY B 297 2.11 -39.29 -4.70
CA GLY B 297 1.29 -39.74 -5.82
C GLY B 297 0.80 -38.66 -6.76
N TYR B 298 1.02 -37.37 -6.44
CA TYR B 298 0.69 -36.31 -7.38
C TYR B 298 1.69 -36.30 -8.53
N SER B 299 1.21 -36.05 -9.74
CA SER B 299 2.12 -35.89 -10.87
C SER B 299 2.71 -34.49 -10.89
N GLN B 300 3.91 -34.39 -11.43
CA GLN B 300 4.57 -33.09 -11.51
C GLN B 300 3.80 -32.13 -12.41
N GLU B 301 3.08 -32.66 -13.40
CA GLU B 301 2.31 -31.79 -14.29
C GLU B 301 1.10 -31.19 -13.58
N GLU B 302 0.33 -32.02 -12.87
CA GLU B 302 -0.87 -31.50 -12.20
C GLU B 302 -0.49 -30.52 -11.09
N ILE B 303 0.67 -30.72 -10.45
CA ILE B 303 1.15 -29.79 -9.44
C ILE B 303 1.45 -28.43 -10.09
N GLN B 304 2.18 -28.46 -11.21
CA GLN B 304 2.49 -27.24 -11.93
C GLN B 304 1.21 -26.51 -12.32
N GLU B 305 0.19 -27.24 -12.78
CA GLU B 305 -1.03 -26.61 -13.24
C GLU B 305 -1.83 -26.02 -12.08
N SER B 306 -1.97 -26.76 -10.98
CA SER B 306 -2.73 -26.25 -9.85
C SER B 306 -2.07 -25.03 -9.23
N LEU B 307 -0.74 -24.99 -9.18
CA LEU B 307 -0.09 -23.85 -8.54
C LEU B 307 -0.08 -22.61 -9.44
N SER B 308 -0.08 -22.78 -10.77
CA SER B 308 0.00 -21.61 -11.64
C SER B 308 -1.22 -20.69 -11.46
N LYS B 309 -2.41 -21.27 -11.31
CA LYS B 309 -3.61 -20.53 -10.96
C LYS B 309 -4.01 -20.90 -9.53
N MET B 310 -4.32 -19.91 -8.71
CA MET B 310 -4.63 -20.21 -7.31
C MET B 310 -5.94 -20.99 -7.16
N LYS B 311 -5.88 -22.33 -7.15
CA LYS B 311 -7.07 -23.17 -7.29
C LYS B 311 -7.83 -23.45 -5.99
N TYR B 312 -7.18 -23.31 -4.83
CA TYR B 312 -7.74 -23.74 -3.52
C TYR B 312 -8.29 -25.16 -3.58
N ASP B 313 -7.52 -26.03 -4.21
CA ASP B 313 -7.87 -27.43 -4.37
C ASP B 313 -6.94 -28.27 -3.50
N GLU B 314 -7.04 -29.58 -3.67
CA GLU B 314 -6.25 -30.51 -2.86
C GLU B 314 -4.76 -30.27 -3.01
N ILE B 315 -4.32 -29.90 -4.22
CA ILE B 315 -2.89 -29.78 -4.49
C ILE B 315 -2.33 -28.51 -3.84
N THR B 316 -2.94 -27.36 -4.14
CA THR B 316 -2.44 -26.12 -3.56
C THR B 316 -2.52 -26.16 -2.04
N ALA B 317 -3.57 -26.77 -1.49
CA ALA B 317 -3.67 -26.92 -0.04
C ALA B 317 -2.51 -27.72 0.51
N THR B 318 -2.23 -28.88 -0.09
CA THR B 318 -1.10 -29.69 0.35
C THR B 318 0.21 -28.91 0.30
N TYR B 319 0.45 -28.23 -0.82
CA TYR B 319 1.69 -27.46 -0.94
C TYR B 319 1.82 -26.44 0.17
N LEU B 320 0.74 -25.71 0.46
CA LEU B 320 0.80 -24.66 1.47
C LEU B 320 0.98 -25.27 2.85
N LEU B 321 0.30 -26.39 3.11
CA LEU B 321 0.36 -27.01 4.43
C LEU B 321 1.74 -27.61 4.68
N LEU B 322 2.41 -28.06 3.61
CA LEU B 322 3.79 -28.50 3.78
C LEU B 322 4.73 -27.35 4.14
N GLY B 323 4.33 -26.11 3.85
CA GLY B 323 5.11 -24.95 4.23
C GLY B 323 4.89 -24.46 5.65
N ARG B 324 3.99 -25.11 6.40
CA ARG B 324 3.70 -24.74 7.77
C ARG B 324 4.35 -25.72 8.73
N LYS B 325 4.52 -25.28 9.97
CA LYS B 325 5.16 -26.09 10.99
C LYS B 325 4.41 -27.41 11.17
N SER B 326 5.17 -28.50 11.19
CA SER B 326 4.62 -29.84 11.37
C SER B 326 4.04 -30.00 12.77
N SER B 327 3.16 -30.98 12.92
CA SER B 327 2.54 -31.26 14.21
C SER B 327 3.59 -31.73 15.21
N GLU B 328 3.47 -31.23 16.44
CA GLU B 328 4.32 -31.68 17.53
C GLU B 328 3.44 -32.07 18.73
C1 EDO C . 4.01 16.12 -22.39
O1 EDO C . 3.86 17.38 -21.75
C2 EDO C . 4.19 15.04 -21.33
O2 EDO C . 3.40 15.40 -20.19
C1 EDO D . 3.99 14.38 -16.99
O1 EDO D . 3.29 15.22 -16.06
C2 EDO D . 4.85 13.39 -16.21
O2 EDO D . 6.23 13.77 -16.28
C1 EDO E . 25.69 28.38 5.61
O1 EDO E . 25.25 28.98 6.82
C2 EDO E . 26.22 27.02 5.95
O2 EDO E . 25.37 26.50 6.97
NI NI F . -16.98 4.91 -26.28
C1 X4W G . -15.15 -17.79 15.71
C2 X4W G . -16.65 -18.00 13.74
C3 X4W G . -16.86 -18.45 12.29
C4 X4W G . -14.53 -18.92 12.15
C7 X4W G . -12.31 -19.87 13.45
C8 X4W G . -14.37 -18.79 13.53
C9 X4W G . -11.17 -20.34 14.21
C10 X4W G . -9.91 -20.64 13.77
C11 X4W G . -9.83 -21.01 15.87
C18 X4W G . -15.65 -21.35 17.06
C19 X4W G . -15.38 -21.17 18.40
C20 X4W G . -15.03 -19.91 18.86
N X4W G . -15.41 -18.18 14.28
C X4W G . -13.93 -16.87 15.88
O X4W G . -17.59 -17.50 14.33
C12 X4W G . -9.50 -21.32 17.22
C13 X4W G . -10.45 -21.18 18.18
C14 X4W G . -11.77 -20.73 17.86
C15 X4W G . -12.07 -20.43 16.59
C16 X4W G . -15.23 -19.02 16.63
C17 X4W G . -15.58 -20.29 16.18
C21 X4W G . -14.98 -18.84 17.99
C5 X4W G . -13.53 -19.53 11.43
C6 X4W G . -12.40 -20.00 12.07
N1 X4W G . -13.30 -19.27 14.14
N2 X4W G . -9.10 -21.06 14.78
N3 X4W G . -11.13 -20.57 15.59
O1 X4W G . -15.65 -18.44 11.51
C1 EDO H . -11.29 -12.35 7.41
O1 EDO H . -10.57 -12.17 8.66
C2 EDO H . -10.58 -13.34 6.48
O2 EDO H . -10.11 -14.45 7.25
C1 EDO I . -18.34 -40.79 5.87
O1 EDO I . -18.12 -42.14 5.45
C2 EDO I . -17.08 -39.98 5.64
O2 EDO I . -16.04 -40.44 6.51
C1 EDO J . -17.59 -17.70 4.82
O1 EDO J . -18.17 -17.08 5.98
C2 EDO J . -16.08 -17.48 4.83
O2 EDO J . -15.52 -18.13 5.98
C1 EDO K . -13.64 -17.49 8.70
O1 EDO K . -14.57 -16.72 9.47
C2 EDO K . -12.48 -16.65 8.21
O2 EDO K . -12.08 -15.62 9.12
C1 EDO L . -12.41 -6.80 28.81
O1 EDO L . -13.40 -7.50 28.03
C2 EDO L . -11.05 -7.06 28.19
O2 EDO L . -10.83 -8.47 28.18
C1 EDO M . -9.41 10.63 28.68
O1 EDO M . -9.72 10.50 30.06
C2 EDO M . -7.90 10.63 28.56
O2 EDO M . -7.45 9.84 29.66
#